data_8PLX
#
_entry.id   8PLX
#
_cell.length_a   62.040
_cell.length_b   103.380
_cell.length_c   133.870
_cell.angle_alpha   90.000
_cell.angle_beta   91.920
_cell.angle_gamma   90.000
#
_symmetry.space_group_name_H-M   'P 1 21 1'
#
loop_
_entity.id
_entity.type
_entity.pdbx_description
1 polymer 'Thioredoxin glutathione reductase'
2 non-polymer 'FLAVIN-ADENINE DINUCLEOTIDE'
3 non-polymer 4-(4-fluorophenyl)piperazine-1-carboxamide
4 water water
#
_entity_poly.entity_id   1
_entity_poly.type   'polypeptide(L)'
_entity_poly.pdbx_seq_one_letter_code
;GPPPADGTSQWLRKTVDSAAVILFSKTTCPYCKKVKDVLAEAKIKHATIELDQLSNGSAIQKCLASFSKIETVPQMFVRG
KFIGDSQTVLKYYSNDELAGIVNESKYDYDLIVIGGGSGGLAAGKEAAKYGAKTAVLDYVEPTPIGTTWGLGGTCVNVGC
IPKKLMHQAGLLSHALEDAEHFGWSLDRSKISHNWSTMVEGVQSHIGSLNWGYKVALRDNQVTYLNAKGRLISPHEVQIT
DKNQKVSTITGNKIILATGERPKYPEIPGAVEYGITSDDLFSLPYFPGKTLVIGASYVALECAGFLASLGGDVTVMVRSI
LLRGFDQQMAEKVGDYMENHGVKFAKLCVPDEIKQLKVVDTENNKPGLLLVKGHYTDGKKFEEEFETVIFAVGREPQLSK
VLCETVGVKLDKNGRVVCTDDEQTTVSNVYAIGDINAGKPQLTPVAIQAGRYLARRLFAGATELTDYSNVATTVFTPLEY
GACGLSEEDAIEKYGDKDIEVYHSNFKPLEWTVAHREDNVCYMKLVCRKSDNMRVLGLHVLGPNAGEITQGYAVAIKMGA
TKADFDRTIGIHPTCSETFTTLHVTKKSGVSPIVSGC
;
_entity_poly.pdbx_strand_id   A,B
#
# COMPACT_ATOMS: atom_id res chain seq x y z
N GLY A 7 -18.40 7.33 20.75
CA GLY A 7 -19.53 6.43 20.67
C GLY A 7 -20.00 6.26 19.23
N THR A 8 -20.45 7.35 18.63
CA THR A 8 -20.84 7.31 17.23
C THR A 8 -19.64 6.97 16.34
N SER A 9 -18.47 7.53 16.66
CA SER A 9 -17.30 7.33 15.81
C SER A 9 -16.77 5.90 15.87
N GLN A 10 -16.86 5.23 17.03
CA GLN A 10 -16.40 3.85 17.09
C GLN A 10 -17.35 2.92 16.33
N TRP A 11 -18.65 3.18 16.39
CA TRP A 11 -19.60 2.42 15.59
C TRP A 11 -19.32 2.59 14.10
N LEU A 12 -19.05 3.83 13.66
CA LEU A 12 -18.89 4.06 12.23
C LEU A 12 -17.65 3.36 11.70
N ARG A 13 -16.55 3.41 12.46
CA ARG A 13 -15.33 2.74 12.00
C ARG A 13 -15.52 1.23 11.91
N LYS A 14 -16.20 0.64 12.89
CA LYS A 14 -16.44 -0.80 12.86
C LYS A 14 -17.33 -1.18 11.67
N THR A 15 -18.38 -0.38 11.41
CA THR A 15 -19.28 -0.65 10.29
C THR A 15 -18.56 -0.56 8.94
N VAL A 16 -17.73 0.47 8.75
CA VAL A 16 -17.06 0.65 7.47
C VAL A 16 -16.03 -0.46 7.24
N ASP A 17 -15.30 -0.87 8.30
CA ASP A 17 -14.23 -1.85 8.13
C ASP A 17 -14.75 -3.21 7.70
N SER A 18 -15.94 -3.61 8.15
CA SER A 18 -16.38 -4.98 7.92
C SER A 18 -17.50 -5.14 6.90
N ALA A 19 -18.26 -4.08 6.59
CA ALA A 19 -19.24 -4.19 5.50
C ALA A 19 -18.56 -4.54 4.18
N ALA A 20 -19.21 -5.41 3.39
CA ALA A 20 -18.66 -5.75 2.08
C ALA A 20 -18.93 -4.63 1.07
N VAL A 21 -20.18 -4.17 0.98
CA VAL A 21 -20.59 -3.08 0.08
C VAL A 21 -21.68 -2.30 0.81
N ILE A 22 -21.46 -1.02 1.09
CA ILE A 22 -22.41 -0.23 1.87
C ILE A 22 -22.52 1.18 1.32
N LEU A 23 -23.76 1.68 1.26
CA LEU A 23 -24.10 3.01 0.75
C LEU A 23 -24.67 3.84 1.90
N PHE A 24 -24.06 5.00 2.15
CA PHE A 24 -24.63 5.97 3.08
C PHE A 24 -25.49 6.96 2.29
N SER A 25 -26.69 7.24 2.79
CA SER A 25 -27.76 7.76 1.95
C SER A 25 -28.73 8.59 2.78
N LYS A 26 -29.63 9.29 2.08
CA LYS A 26 -30.83 9.87 2.68
C LYS A 26 -32.02 9.58 1.77
N THR A 27 -33.16 9.27 2.38
CA THR A 27 -34.35 8.89 1.61
C THR A 27 -34.79 9.97 0.65
N THR A 28 -34.44 11.23 0.93
CA THR A 28 -34.94 12.38 0.20
C THR A 28 -34.02 12.87 -0.90
N CYS A 29 -32.87 12.24 -1.12
CA CYS A 29 -31.86 12.83 -2.00
C CYS A 29 -31.90 12.14 -3.36
N PRO A 30 -32.14 12.86 -4.45
CA PRO A 30 -32.19 12.20 -5.78
C PRO A 30 -30.84 11.72 -6.28
N TYR A 31 -29.72 12.26 -5.78
CA TYR A 31 -28.42 11.70 -6.16
C TYR A 31 -28.23 10.31 -5.55
N CYS A 32 -28.71 10.10 -4.32
CA CYS A 32 -28.71 8.77 -3.74
C CYS A 32 -29.56 7.81 -4.58
N LYS A 33 -30.77 8.22 -4.94
CA LYS A 33 -31.63 7.39 -5.78
C LYS A 33 -30.92 7.06 -7.10
N LYS A 34 -30.21 8.04 -7.66
CA LYS A 34 -29.45 7.81 -8.89
C LYS A 34 -28.41 6.72 -8.71
N VAL A 35 -27.73 6.69 -7.56
CA VAL A 35 -26.71 5.66 -7.32
C VAL A 35 -27.38 4.31 -7.06
N LYS A 36 -28.47 4.30 -6.28
CA LYS A 36 -29.17 3.04 -6.02
C LYS A 36 -29.57 2.36 -7.32
N ASP A 37 -30.10 3.14 -8.27
CA ASP A 37 -30.58 2.58 -9.53
C ASP A 37 -29.44 1.94 -10.33
N VAL A 38 -28.28 2.60 -10.37
CA VAL A 38 -27.11 2.03 -11.03
C VAL A 38 -26.72 0.69 -10.39
N LEU A 39 -26.77 0.62 -9.05
CA LEU A 39 -26.20 -0.54 -8.38
C LEU A 39 -26.95 -1.83 -8.71
N ALA A 40 -28.28 -1.79 -8.70
CA ALA A 40 -29.00 -3.04 -8.96
C ALA A 40 -29.20 -3.33 -10.45
N GLU A 41 -29.09 -2.32 -11.32
CA GLU A 41 -29.03 -2.63 -12.75
C GLU A 41 -27.80 -3.48 -13.05
N ALA A 42 -26.68 -3.20 -12.38
CA ALA A 42 -25.49 -4.03 -12.49
C ALA A 42 -25.53 -5.25 -11.56
N LYS A 43 -26.63 -5.43 -10.82
CA LYS A 43 -26.83 -6.58 -9.94
C LYS A 43 -25.81 -6.60 -8.81
N ILE A 44 -25.57 -5.44 -8.19
CA ILE A 44 -24.65 -5.31 -7.06
C ILE A 44 -25.50 -5.18 -5.79
N LYS A 45 -25.49 -6.22 -4.94
CA LYS A 45 -26.18 -6.16 -3.67
C LYS A 45 -25.33 -5.42 -2.63
N HIS A 46 -26.01 -4.72 -1.73
CA HIS A 46 -25.33 -3.84 -0.78
C HIS A 46 -26.25 -3.52 0.38
N ALA A 47 -25.64 -3.18 1.51
CA ALA A 47 -26.34 -2.55 2.62
C ALA A 47 -26.54 -1.07 2.34
N THR A 48 -27.61 -0.52 2.94
CA THR A 48 -27.92 0.91 2.86
C THR A 48 -28.21 1.41 4.27
N ILE A 49 -27.71 2.60 4.59
CA ILE A 49 -28.01 3.27 5.86
C ILE A 49 -28.57 4.65 5.52
N GLU A 50 -29.85 4.88 5.84
CA GLU A 50 -30.51 6.15 5.55
C GLU A 50 -30.32 7.09 6.73
N LEU A 51 -29.42 8.07 6.57
CA LEU A 51 -29.01 8.91 7.70
C LEU A 51 -30.17 9.72 8.28
N ASP A 52 -31.15 10.11 7.45
CA ASP A 52 -32.29 10.88 7.96
C ASP A 52 -33.18 10.06 8.89
N GLN A 53 -33.06 8.73 8.88
CA GLN A 53 -33.88 7.87 9.74
C GLN A 53 -33.28 7.63 11.12
N LEU A 54 -32.13 8.23 11.44
CA LEU A 54 -31.47 7.99 12.72
C LEU A 54 -31.37 9.29 13.50
N SER A 55 -31.41 9.17 14.83
CA SER A 55 -31.44 10.37 15.67
C SER A 55 -30.14 11.17 15.56
N ASN A 56 -28.99 10.48 15.58
CA ASN A 56 -27.69 11.14 15.44
C ASN A 56 -27.14 11.01 14.02
N GLY A 57 -28.00 11.09 13.01
CA GLY A 57 -27.52 11.03 11.64
C GLY A 57 -26.62 12.20 11.28
N SER A 58 -26.82 13.35 11.91
CA SER A 58 -25.98 14.52 11.63
C SER A 58 -24.55 14.28 12.12
N ALA A 59 -24.41 13.60 13.25
CA ALA A 59 -23.07 13.29 13.77
C ALA A 59 -22.38 12.24 12.90
N ILE A 60 -23.11 11.21 12.46
CA ILE A 60 -22.51 10.20 11.58
C ILE A 60 -22.03 10.85 10.30
N GLN A 61 -22.83 11.77 9.75
CA GLN A 61 -22.49 12.44 8.50
C GLN A 61 -21.17 13.19 8.63
N LYS A 62 -20.92 13.82 9.78
CA LYS A 62 -19.64 14.49 9.99
C LYS A 62 -18.51 13.48 10.17
N CYS A 63 -18.79 12.33 10.79
CA CYS A 63 -17.76 11.33 11.02
C CYS A 63 -17.27 10.68 9.72
N LEU A 64 -18.14 10.60 8.71
CA LEU A 64 -17.74 9.97 7.45
C LEU A 64 -16.55 10.68 6.82
N ALA A 65 -16.40 11.99 7.07
CA ALA A 65 -15.30 12.74 6.48
C ALA A 65 -13.94 12.21 6.92
N SER A 66 -13.88 11.56 8.08
CA SER A 66 -12.63 10.94 8.54
C SER A 66 -12.17 9.82 7.61
N PHE A 67 -13.05 9.30 6.76
CA PHE A 67 -12.73 8.26 5.79
C PHE A 67 -12.69 8.75 4.35
N SER A 68 -13.57 9.67 3.98
CA SER A 68 -13.75 10.08 2.59
C SER A 68 -13.27 11.49 2.31
N LYS A 69 -13.05 12.30 3.35
CA LYS A 69 -12.77 13.73 3.31
C LYS A 69 -13.98 14.55 2.85
N ILE A 70 -15.17 13.94 2.74
CA ILE A 70 -16.38 14.69 2.40
C ILE A 70 -17.47 14.39 3.42
N GLU A 71 -18.47 15.28 3.46
CA GLU A 71 -19.57 15.24 4.43
C GLU A 71 -20.94 15.12 3.79
N THR A 72 -21.03 14.89 2.49
CA THR A 72 -22.32 14.83 1.79
C THR A 72 -22.73 13.38 1.54
N VAL A 73 -23.97 13.21 1.07
CA VAL A 73 -24.47 11.89 0.66
C VAL A 73 -24.79 11.94 -0.83
N PRO A 74 -24.66 10.83 -1.57
CA PRO A 74 -24.25 9.49 -1.14
C PRO A 74 -22.75 9.32 -0.96
N GLN A 75 -22.34 8.34 -0.15
CA GLN A 75 -20.95 7.86 -0.09
C GLN A 75 -20.98 6.34 -0.13
N MET A 76 -20.22 5.74 -1.04
CA MET A 76 -20.22 4.29 -1.19
C MET A 76 -18.85 3.73 -0.84
N PHE A 77 -18.86 2.66 -0.04
CA PHE A 77 -17.64 2.00 0.44
C PHE A 77 -17.63 0.54 0.01
N VAL A 78 -16.43 0.00 -0.22
CA VAL A 78 -16.26 -1.41 -0.53
C VAL A 78 -15.14 -1.94 0.35
N ARG A 79 -15.48 -2.89 1.23
CA ARG A 79 -14.51 -3.59 2.07
C ARG A 79 -13.57 -2.62 2.76
N GLY A 80 -14.13 -1.55 3.32
CA GLY A 80 -13.38 -0.61 4.14
C GLY A 80 -12.78 0.57 3.39
N LYS A 81 -13.04 0.70 2.09
CA LYS A 81 -12.42 1.72 1.25
C LYS A 81 -13.49 2.59 0.63
N PHE A 82 -13.33 3.92 0.77
CA PHE A 82 -14.21 4.87 0.12
C PHE A 82 -14.02 4.80 -1.40
N ILE A 83 -15.12 4.60 -2.12
CA ILE A 83 -15.10 4.44 -3.56
C ILE A 83 -15.47 5.73 -4.28
N GLY A 84 -16.48 6.46 -3.80
CA GLY A 84 -16.81 7.71 -4.46
C GLY A 84 -18.17 8.23 -4.08
N ASP A 85 -18.43 9.46 -4.55
CA ASP A 85 -19.74 10.07 -4.46
C ASP A 85 -20.52 9.71 -5.73
N SER A 86 -21.59 10.46 -6.03
CA SER A 86 -22.42 10.13 -7.19
C SER A 86 -21.63 10.23 -8.50
N GLN A 87 -20.99 11.38 -8.76
CA GLN A 87 -20.22 11.54 -9.99
C GLN A 87 -19.19 10.44 -10.18
N THR A 88 -18.51 10.04 -9.11
CA THR A 88 -17.42 9.07 -9.24
C THR A 88 -17.95 7.66 -9.51
N VAL A 89 -19.00 7.26 -8.79
CA VAL A 89 -19.59 5.93 -9.04
C VAL A 89 -20.03 5.82 -10.49
N LEU A 90 -20.71 6.86 -10.99
CA LEU A 90 -21.24 6.82 -12.35
C LEU A 90 -20.10 6.80 -13.37
N LYS A 91 -19.00 7.51 -13.10
CA LYS A 91 -17.80 7.43 -13.93
C LYS A 91 -17.31 5.98 -14.04
N TYR A 92 -17.22 5.28 -12.91
CA TYR A 92 -16.80 3.88 -12.94
C TYR A 92 -17.77 3.02 -13.72
N TYR A 93 -19.07 3.33 -13.61
CA TYR A 93 -20.10 2.55 -14.29
C TYR A 93 -20.01 2.69 -15.80
N SER A 94 -20.05 3.93 -16.31
CA SER A 94 -20.05 4.12 -17.75
C SER A 94 -18.70 3.81 -18.39
N ASN A 95 -17.65 3.60 -17.60
CA ASN A 95 -16.35 3.16 -18.10
C ASN A 95 -16.13 1.66 -17.88
N ASP A 96 -17.18 0.92 -17.49
CA ASP A 96 -17.10 -0.53 -17.18
C ASP A 96 -15.95 -0.86 -16.25
N GLU A 97 -15.74 -0.01 -15.24
CA GLU A 97 -14.78 -0.28 -14.18
C GLU A 97 -15.44 -0.70 -12.87
N LEU A 98 -16.74 -0.47 -12.73
CA LEU A 98 -17.42 -0.68 -11.44
C LEU A 98 -17.36 -2.15 -11.02
N ALA A 99 -17.62 -3.06 -11.96
CA ALA A 99 -17.70 -4.47 -11.61
C ALA A 99 -16.41 -4.97 -10.95
N GLY A 100 -15.27 -4.53 -11.47
CA GLY A 100 -13.99 -4.94 -10.88
C GLY A 100 -13.72 -4.31 -9.54
N ILE A 101 -14.20 -3.09 -9.32
CA ILE A 101 -14.04 -2.44 -8.03
C ILE A 101 -14.76 -3.22 -6.93
N VAL A 102 -16.05 -3.51 -7.14
CA VAL A 102 -16.85 -4.12 -6.08
C VAL A 102 -16.46 -5.57 -5.81
N ASN A 103 -15.72 -6.18 -6.72
CA ASN A 103 -15.30 -7.57 -6.58
C ASN A 103 -13.85 -7.71 -6.13
N GLU A 104 -13.17 -6.59 -5.87
CA GLU A 104 -11.78 -6.62 -5.45
C GLU A 104 -11.71 -6.99 -3.97
N SER A 105 -10.97 -8.04 -3.65
CA SER A 105 -10.90 -8.51 -2.27
C SER A 105 -9.56 -9.16 -2.00
N LYS A 106 -9.08 -8.99 -0.77
CA LYS A 106 -7.89 -9.70 -0.34
C LYS A 106 -8.16 -11.18 -0.07
N TYR A 107 -9.42 -11.60 0.01
CA TYR A 107 -9.78 -12.99 0.29
C TYR A 107 -10.70 -13.52 -0.80
N ASP A 108 -10.82 -14.86 -0.85
CA ASP A 108 -11.79 -15.47 -1.75
C ASP A 108 -13.22 -15.08 -1.39
N TYR A 109 -13.54 -15.05 -0.09
CA TYR A 109 -14.91 -14.80 0.37
C TYR A 109 -14.94 -13.76 1.48
N ASP A 110 -16.02 -12.98 1.52
CA ASP A 110 -16.26 -12.12 2.67
C ASP A 110 -16.59 -12.95 3.91
N LEU A 111 -17.23 -14.10 3.73
CA LEU A 111 -17.72 -14.95 4.81
C LEU A 111 -17.62 -16.41 4.40
N ILE A 112 -17.01 -17.24 5.25
CA ILE A 112 -17.11 -18.68 5.11
C ILE A 112 -17.86 -19.20 6.34
N VAL A 113 -18.96 -19.91 6.10
CA VAL A 113 -19.70 -20.60 7.17
C VAL A 113 -19.34 -22.08 7.13
N ILE A 114 -18.82 -22.60 8.25
CA ILE A 114 -18.53 -24.02 8.38
C ILE A 114 -19.71 -24.67 9.10
N GLY A 115 -20.48 -25.46 8.36
CA GLY A 115 -21.68 -26.12 8.88
C GLY A 115 -22.96 -25.61 8.24
N GLY A 116 -23.69 -26.50 7.57
CA GLY A 116 -24.91 -26.11 6.86
C GLY A 116 -26.20 -26.52 7.57
N GLY A 117 -26.34 -26.12 8.83
CA GLY A 117 -27.55 -26.41 9.58
C GLY A 117 -28.40 -25.20 9.89
N SER A 118 -29.15 -25.28 11.00
CA SER A 118 -30.09 -24.22 11.37
C SER A 118 -29.41 -22.86 11.45
N GLY A 119 -28.34 -22.75 12.23
CA GLY A 119 -27.67 -21.46 12.37
C GLY A 119 -26.91 -21.06 11.12
N GLY A 120 -26.16 -22.00 10.55
CA GLY A 120 -25.25 -21.67 9.45
C GLY A 120 -25.98 -21.23 8.19
N LEU A 121 -27.04 -21.96 7.82
CA LEU A 121 -27.84 -21.56 6.66
C LEU A 121 -28.47 -20.19 6.88
N ALA A 122 -28.99 -19.94 8.08
CA ALA A 122 -29.60 -18.64 8.36
C ALA A 122 -28.58 -17.51 8.25
N ALA A 123 -27.41 -17.70 8.86
CA ALA A 123 -26.33 -16.72 8.78
C ALA A 123 -25.92 -16.47 7.33
N GLY A 124 -25.70 -17.55 6.56
CA GLY A 124 -25.17 -17.38 5.22
C GLY A 124 -26.11 -16.65 4.29
N LYS A 125 -27.42 -17.00 4.34
CA LYS A 125 -28.39 -16.34 3.48
C LYS A 125 -28.54 -14.87 3.85
N GLU A 126 -28.52 -14.56 5.16
CA GLU A 126 -28.71 -13.17 5.58
C GLU A 126 -27.52 -12.30 5.17
N ALA A 127 -26.30 -12.82 5.26
CA ALA A 127 -25.12 -12.03 4.90
C ALA A 127 -25.10 -11.71 3.41
N ALA A 128 -25.46 -12.68 2.57
CA ALA A 128 -25.45 -12.48 1.12
C ALA A 128 -26.41 -11.39 0.69
N LYS A 129 -27.48 -11.17 1.46
CA LYS A 129 -28.44 -10.12 1.13
C LYS A 129 -27.84 -8.72 1.17
N TYR A 130 -26.78 -8.50 1.95
CA TYR A 130 -26.13 -7.19 2.02
C TYR A 130 -24.85 -7.13 1.20
N GLY A 131 -24.63 -8.10 0.31
CA GLY A 131 -23.51 -8.01 -0.61
C GLY A 131 -22.28 -8.79 -0.21
N ALA A 132 -22.29 -9.48 0.93
CA ALA A 132 -21.16 -10.31 1.29
C ALA A 132 -21.06 -11.52 0.35
N LYS A 133 -19.89 -11.72 -0.25
CA LYS A 133 -19.64 -12.92 -1.03
C LYS A 133 -19.42 -14.08 -0.07
N THR A 134 -20.28 -15.09 -0.14
CA THR A 134 -20.45 -16.06 0.95
C THR A 134 -20.31 -17.49 0.45
N ALA A 135 -19.66 -18.34 1.26
CA ALA A 135 -19.62 -19.78 1.02
C ALA A 135 -20.15 -20.52 2.25
N VAL A 136 -21.00 -21.52 2.01
CA VAL A 136 -21.51 -22.40 3.07
C VAL A 136 -20.99 -23.81 2.82
N LEU A 137 -20.31 -24.37 3.82
CA LEU A 137 -19.75 -25.72 3.75
C LEU A 137 -20.61 -26.65 4.61
N ASP A 138 -21.04 -27.77 4.05
CA ASP A 138 -21.74 -28.79 4.83
C ASP A 138 -21.32 -30.19 4.42
N TYR A 139 -21.18 -31.06 5.43
CA TYR A 139 -20.84 -32.47 5.27
C TYR A 139 -21.51 -33.24 6.41
N VAL A 140 -21.92 -34.47 6.13
CA VAL A 140 -22.55 -35.34 7.13
C VAL A 140 -21.69 -36.58 7.28
N GLU A 141 -20.95 -36.67 8.38
CA GLU A 141 -20.20 -37.88 8.71
C GLU A 141 -21.18 -39.02 8.96
N PRO A 142 -21.05 -40.16 8.27
CA PRO A 142 -22.02 -41.24 8.45
C PRO A 142 -22.02 -41.81 9.85
N THR A 143 -23.19 -42.33 10.28
CA THR A 143 -23.28 -43.05 11.55
C THR A 143 -22.49 -44.35 11.46
N PRO A 144 -22.27 -45.03 12.61
CA PRO A 144 -21.56 -46.33 12.55
C PRO A 144 -22.17 -47.37 11.62
N ILE A 145 -23.50 -47.38 11.43
CA ILE A 145 -24.09 -48.33 10.48
C ILE A 145 -24.18 -47.76 9.08
N GLY A 146 -23.75 -46.52 8.85
CA GLY A 146 -23.69 -45.96 7.51
C GLY A 146 -24.74 -44.90 7.16
N THR A 147 -25.63 -44.56 8.07
CA THR A 147 -26.69 -43.60 7.75
C THR A 147 -26.11 -42.20 7.49
N THR A 148 -26.60 -41.56 6.42
CA THR A 148 -26.27 -40.17 6.09
C THR A 148 -27.51 -39.50 5.50
N TRP A 149 -27.44 -38.20 5.24
CA TRP A 149 -28.60 -37.40 4.81
C TRP A 149 -28.12 -36.10 4.15
N GLY A 150 -29.07 -35.24 3.79
CA GLY A 150 -28.82 -34.09 2.94
C GLY A 150 -28.69 -32.77 3.71
N LEU A 151 -28.69 -31.69 2.94
CA LEU A 151 -28.43 -30.36 3.50
C LEU A 151 -29.53 -29.92 4.45
N GLY A 152 -29.13 -29.26 5.55
CA GLY A 152 -30.11 -28.65 6.43
C GLY A 152 -29.89 -28.82 7.93
N GLY A 153 -29.03 -29.76 8.32
CA GLY A 153 -28.62 -29.91 9.71
C GLY A 153 -29.48 -30.91 10.49
N THR A 154 -29.26 -30.91 11.81
CA THR A 154 -29.86 -31.92 12.68
C THR A 154 -31.39 -31.77 12.76
N CYS A 155 -31.89 -30.56 13.00
CA CYS A 155 -33.34 -30.33 13.09
C CYS A 155 -34.08 -30.90 11.88
N VAL A 156 -33.66 -30.49 10.68
CA VAL A 156 -34.37 -30.81 9.45
C VAL A 156 -34.38 -32.32 9.17
N ASN A 157 -33.22 -32.99 9.36
CA ASN A 157 -33.01 -34.37 8.92
C ASN A 157 -33.21 -35.42 10.01
N VAL A 158 -32.76 -35.15 11.25
CA VAL A 158 -32.74 -36.20 12.28
C VAL A 158 -33.13 -35.63 13.64
N GLY A 159 -34.02 -34.64 13.63
CA GLY A 159 -34.36 -33.87 14.83
C GLY A 159 -35.79 -33.36 14.89
N CYS A 160 -35.96 -32.04 15.10
CA CYS A 160 -37.28 -31.43 15.32
C CYS A 160 -38.35 -31.91 14.34
N ILE A 161 -38.02 -31.90 13.04
CA ILE A 161 -39.01 -32.12 11.98
C ILE A 161 -39.49 -33.58 11.95
N PRO A 162 -38.63 -34.60 11.76
CA PRO A 162 -39.17 -35.96 11.74
C PRO A 162 -39.70 -36.40 13.11
N LYS A 163 -39.15 -35.90 14.22
CA LYS A 163 -39.67 -36.39 15.49
C LYS A 163 -41.07 -35.84 15.76
N LYS A 164 -41.35 -34.59 15.35
CA LYS A 164 -42.72 -34.11 15.55
C LYS A 164 -43.71 -34.73 14.56
N LEU A 165 -43.26 -35.08 13.34
CA LEU A 165 -44.16 -35.79 12.42
C LEU A 165 -44.51 -37.17 12.96
N MET A 166 -43.54 -37.84 13.59
CA MET A 166 -43.81 -39.16 14.19
C MET A 166 -44.65 -39.04 15.46
N HIS A 167 -44.42 -37.98 16.25
CA HIS A 167 -45.32 -37.65 17.36
C HIS A 167 -46.76 -37.48 16.88
N GLN A 168 -46.95 -36.78 15.75
CA GLN A 168 -48.30 -36.59 15.21
C GLN A 168 -48.92 -37.92 14.80
N ALA A 169 -48.13 -38.81 14.22
CA ALA A 169 -48.65 -40.14 13.88
C ALA A 169 -49.14 -40.84 15.12
N GLY A 170 -48.43 -40.68 16.24
CA GLY A 170 -48.86 -41.29 17.49
C GLY A 170 -50.13 -40.64 18.03
N LEU A 171 -50.20 -39.31 18.01
CA LEU A 171 -51.40 -38.60 18.45
C LEU A 171 -52.64 -39.03 17.67
N LEU A 172 -52.47 -39.35 16.39
CA LEU A 172 -53.64 -39.73 15.60
C LEU A 172 -54.25 -41.05 16.07
N SER A 173 -53.52 -41.88 16.82
CA SER A 173 -54.13 -43.12 17.32
C SER A 173 -55.21 -42.83 18.35
N HIS A 174 -54.98 -41.85 19.23
CA HIS A 174 -56.01 -41.47 20.19
C HIS A 174 -57.14 -40.69 19.53
N ALA A 175 -56.85 -39.98 18.43
CA ALA A 175 -57.92 -39.35 17.67
C ALA A 175 -58.86 -40.40 17.08
N LEU A 176 -58.30 -41.52 16.61
CA LEU A 176 -59.13 -42.64 16.14
C LEU A 176 -60.01 -43.20 17.26
N GLU A 177 -59.44 -43.40 18.45
CA GLU A 177 -60.23 -43.82 19.60
C GLU A 177 -61.32 -42.80 19.92
N ASP A 178 -60.96 -41.52 20.02
CA ASP A 178 -61.93 -40.48 20.36
C ASP A 178 -63.08 -40.42 19.35
N ALA A 179 -62.80 -40.76 18.08
CA ALA A 179 -63.79 -40.54 17.04
C ALA A 179 -65.07 -41.35 17.29
N GLU A 180 -64.93 -42.55 17.86
CA GLU A 180 -66.12 -43.37 18.10
C GLU A 180 -67.06 -42.70 19.08
N HIS A 181 -66.51 -42.09 20.15
CA HIS A 181 -67.34 -41.45 21.14
C HIS A 181 -68.05 -40.22 20.59
N PHE A 182 -67.47 -39.58 19.57
CA PHE A 182 -68.08 -38.41 18.94
C PHE A 182 -69.03 -38.78 17.81
N GLY A 183 -69.31 -40.07 17.59
CA GLY A 183 -70.34 -40.50 16.66
C GLY A 183 -69.84 -41.15 15.37
N TRP A 184 -68.53 -41.30 15.16
CA TRP A 184 -68.03 -41.93 13.94
C TRP A 184 -68.02 -43.46 14.07
N SER A 185 -68.22 -44.15 12.93
CA SER A 185 -68.52 -45.58 12.93
C SER A 185 -67.31 -46.50 12.86
N LEU A 186 -66.09 -45.99 12.84
CA LEU A 186 -64.93 -46.87 12.76
C LEU A 186 -64.78 -47.74 14.01
N ASP A 187 -63.98 -48.80 13.88
CA ASP A 187 -63.60 -49.68 14.99
C ASP A 187 -62.10 -49.60 15.23
N ARG A 188 -61.69 -48.84 16.25
CA ARG A 188 -60.27 -48.64 16.54
C ARG A 188 -59.52 -49.95 16.73
N SER A 189 -60.15 -50.93 17.37
CA SER A 189 -59.46 -52.19 17.64
C SER A 189 -59.09 -52.97 16.39
N LYS A 190 -59.64 -52.64 15.23
CA LYS A 190 -59.36 -53.38 14.00
C LYS A 190 -58.42 -52.62 13.04
N ILE A 191 -57.72 -51.60 13.53
CA ILE A 191 -56.86 -50.76 12.71
C ILE A 191 -55.42 -50.91 13.20
N SER A 192 -54.47 -50.95 12.26
CA SER A 192 -53.06 -51.13 12.60
C SER A 192 -52.23 -50.06 11.91
N HIS A 193 -50.95 -49.97 12.29
CA HIS A 193 -50.04 -48.97 11.75
C HIS A 193 -48.92 -49.62 10.94
N ASN A 194 -48.60 -49.00 9.79
CA ASN A 194 -47.52 -49.45 8.90
C ASN A 194 -46.35 -48.46 9.05
N TRP A 195 -45.27 -48.94 9.70
CA TRP A 195 -44.08 -48.11 9.95
C TRP A 195 -43.47 -47.59 8.67
N SER A 196 -43.25 -48.47 7.68
CA SER A 196 -42.53 -48.02 6.49
C SER A 196 -43.35 -47.04 5.66
N THR A 197 -44.68 -47.15 5.66
CA THR A 197 -45.48 -46.11 5.01
C THR A 197 -45.28 -44.75 5.68
N MET A 198 -45.23 -44.72 7.02
CA MET A 198 -44.94 -43.46 7.73
C MET A 198 -43.58 -42.90 7.36
N VAL A 199 -42.53 -43.73 7.44
CA VAL A 199 -41.17 -43.27 7.16
C VAL A 199 -41.06 -42.74 5.73
N GLU A 200 -41.72 -43.40 4.77
CA GLU A 200 -41.67 -42.90 3.40
C GLU A 200 -42.25 -41.49 3.28
N GLY A 201 -43.35 -41.22 4.00
CA GLY A 201 -43.93 -39.88 3.93
C GLY A 201 -43.08 -38.84 4.64
N VAL A 202 -42.54 -39.19 5.80
CA VAL A 202 -41.63 -38.29 6.52
C VAL A 202 -40.43 -37.96 5.66
N GLN A 203 -39.82 -38.99 5.06
CA GLN A 203 -38.58 -38.78 4.30
C GLN A 203 -38.83 -38.00 3.02
N SER A 204 -40.01 -38.11 2.43
CA SER A 204 -40.31 -37.30 1.25
C SER A 204 -40.39 -35.82 1.61
N HIS A 205 -40.96 -35.49 2.78
CA HIS A 205 -40.96 -34.09 3.23
C HIS A 205 -39.55 -33.59 3.50
N ILE A 206 -38.73 -34.40 4.20
CA ILE A 206 -37.35 -34.00 4.46
C ILE A 206 -36.62 -33.76 3.14
N GLY A 207 -36.85 -34.61 2.15
CA GLY A 207 -36.21 -34.42 0.87
C GLY A 207 -36.60 -33.11 0.20
N SER A 208 -37.86 -32.68 0.38
CA SER A 208 -38.26 -31.39 -0.18
C SER A 208 -37.58 -30.24 0.58
N LEU A 209 -37.22 -30.44 1.84
CA LEU A 209 -36.47 -29.42 2.56
C LEU A 209 -35.01 -29.38 2.10
N ASN A 210 -34.36 -30.55 1.93
CA ASN A 210 -32.99 -30.59 1.39
C ASN A 210 -32.91 -29.79 0.09
N TRP A 211 -33.85 -30.05 -0.83
CA TRP A 211 -33.84 -29.40 -2.14
C TRP A 211 -34.15 -27.92 -2.01
N GLY A 212 -35.14 -27.55 -1.19
CA GLY A 212 -35.45 -26.15 -0.98
C GLY A 212 -34.28 -25.32 -0.50
N TYR A 213 -33.45 -25.88 0.40
CA TYR A 213 -32.28 -25.14 0.87
C TYR A 213 -31.26 -24.94 -0.25
N LYS A 214 -31.02 -25.96 -1.07
CA LYS A 214 -30.07 -25.79 -2.17
C LYS A 214 -30.57 -24.74 -3.16
N VAL A 215 -31.88 -24.71 -3.41
CA VAL A 215 -32.44 -23.67 -4.27
C VAL A 215 -32.26 -22.30 -3.64
N ALA A 216 -32.51 -22.20 -2.33
CA ALA A 216 -32.38 -20.92 -1.64
C ALA A 216 -30.95 -20.37 -1.74
N LEU A 217 -29.94 -21.23 -1.56
CA LEU A 217 -28.56 -20.75 -1.62
C LEU A 217 -28.22 -20.26 -3.03
N ARG A 218 -28.58 -21.05 -4.06
CA ARG A 218 -28.40 -20.62 -5.44
C ARG A 218 -29.06 -19.27 -5.70
N ASP A 219 -30.30 -19.08 -5.25
CA ASP A 219 -31.00 -17.82 -5.55
C ASP A 219 -30.48 -16.62 -4.74
N ASN A 220 -29.66 -16.84 -3.71
CA ASN A 220 -28.99 -15.76 -2.99
C ASN A 220 -27.52 -15.63 -3.40
N GLN A 221 -27.09 -16.33 -4.44
CA GLN A 221 -25.70 -16.28 -4.93
C GLN A 221 -24.71 -16.79 -3.88
N VAL A 222 -25.11 -17.72 -3.03
CA VAL A 222 -24.22 -18.32 -2.04
C VAL A 222 -23.59 -19.56 -2.65
N THR A 223 -22.27 -19.70 -2.51
CA THR A 223 -21.58 -20.91 -2.97
C THR A 223 -21.77 -22.02 -1.94
N TYR A 224 -22.35 -23.15 -2.36
CA TYR A 224 -22.54 -24.33 -1.52
C TYR A 224 -21.50 -25.38 -1.87
N LEU A 225 -20.70 -25.77 -0.89
CA LEU A 225 -19.68 -26.80 -1.05
C LEU A 225 -20.04 -27.97 -0.14
N ASN A 226 -20.34 -29.12 -0.73
CA ASN A 226 -20.56 -30.35 0.03
C ASN A 226 -19.18 -30.93 0.35
N ALA A 227 -18.55 -30.39 1.38
CA ALA A 227 -17.18 -30.75 1.76
C ALA A 227 -16.99 -30.54 3.25
N LYS A 228 -16.04 -31.28 3.81
CA LYS A 228 -15.66 -31.10 5.20
C LYS A 228 -14.66 -29.95 5.33
N GLY A 229 -14.94 -29.01 6.23
CA GLY A 229 -14.09 -27.85 6.43
C GLY A 229 -13.25 -27.96 7.70
N ARG A 230 -12.06 -27.34 7.66
CA ARG A 230 -11.15 -27.32 8.80
C ARG A 230 -10.43 -25.99 8.83
N LEU A 231 -10.55 -25.26 9.93
CA LEU A 231 -9.88 -23.97 10.07
C LEU A 231 -8.42 -24.21 10.49
N ILE A 232 -7.48 -23.84 9.62
CA ILE A 232 -6.05 -24.07 9.87
C ILE A 232 -5.30 -22.80 10.24
N SER A 233 -5.85 -21.62 9.94
CA SER A 233 -5.35 -20.35 10.45
C SER A 233 -6.54 -19.38 10.46
N PRO A 234 -6.39 -18.19 11.05
CA PRO A 234 -7.56 -17.31 11.19
C PRO A 234 -8.36 -17.09 9.91
N HIS A 235 -7.73 -17.05 8.74
CA HIS A 235 -8.42 -16.74 7.50
C HIS A 235 -8.41 -17.88 6.49
N GLU A 236 -7.91 -19.06 6.86
CA GLU A 236 -7.68 -20.16 5.92
C GLU A 236 -8.50 -21.38 6.31
N VAL A 237 -9.33 -21.86 5.38
CA VAL A 237 -10.17 -23.05 5.59
C VAL A 237 -9.73 -24.13 4.62
N GLN A 238 -9.31 -25.26 5.16
CA GLN A 238 -8.98 -26.44 4.38
C GLN A 238 -10.23 -27.27 4.15
N ILE A 239 -10.50 -27.63 2.88
CA ILE A 239 -11.69 -28.38 2.52
C ILE A 239 -11.30 -29.72 1.92
N THR A 240 -12.12 -30.73 2.21
CA THR A 240 -11.95 -32.09 1.67
C THR A 240 -13.29 -32.52 1.09
N ASP A 241 -13.31 -32.86 -0.20
CA ASP A 241 -14.56 -33.19 -0.87
C ASP A 241 -14.80 -34.70 -0.85
N LYS A 242 -15.79 -35.16 -1.60
CA LYS A 242 -16.20 -36.56 -1.54
C LYS A 242 -15.28 -37.49 -2.34
N ASN A 243 -14.30 -36.94 -3.05
CA ASN A 243 -13.25 -37.71 -3.70
C ASN A 243 -11.92 -37.64 -2.94
N GLN A 244 -11.96 -37.24 -1.66
CA GLN A 244 -10.79 -36.99 -0.83
C GLN A 244 -9.87 -35.92 -1.42
N LYS A 245 -10.36 -35.06 -2.33
CA LYS A 245 -9.52 -34.00 -2.86
C LYS A 245 -9.46 -32.83 -1.88
N VAL A 246 -8.25 -32.30 -1.66
CA VAL A 246 -8.00 -31.35 -0.59
C VAL A 246 -7.53 -30.03 -1.20
N SER A 247 -8.06 -28.92 -0.68
CA SER A 247 -7.68 -27.59 -1.14
C SER A 247 -7.93 -26.56 -0.03
N THR A 248 -7.62 -25.29 -0.32
CA THR A 248 -7.68 -24.22 0.66
C THR A 248 -8.45 -23.04 0.08
N ILE A 249 -9.34 -22.45 0.89
CA ILE A 249 -10.03 -21.22 0.55
C ILE A 249 -9.84 -20.22 1.69
N THR A 250 -9.89 -18.93 1.36
CA THR A 250 -9.71 -17.88 2.36
C THR A 250 -10.97 -17.04 2.49
N GLY A 251 -11.16 -16.49 3.70
CA GLY A 251 -12.31 -15.65 3.98
C GLY A 251 -11.98 -14.58 4.99
N ASN A 252 -12.66 -13.44 4.87
CA ASN A 252 -12.46 -12.37 5.84
C ASN A 252 -13.01 -12.75 7.21
N LYS A 253 -14.34 -12.94 7.30
CA LYS A 253 -14.98 -13.42 8.51
C LYS A 253 -15.31 -14.92 8.41
N ILE A 254 -15.23 -15.62 9.54
CA ILE A 254 -15.51 -17.05 9.64
C ILE A 254 -16.60 -17.25 10.69
N ILE A 255 -17.63 -18.02 10.36
CA ILE A 255 -18.64 -18.42 11.34
C ILE A 255 -18.58 -19.94 11.49
N LEU A 256 -18.33 -20.42 12.72
CA LEU A 256 -18.38 -21.84 13.02
C LEU A 256 -19.80 -22.23 13.46
N ALA A 257 -20.37 -23.21 12.79
CA ALA A 257 -21.77 -23.60 13.02
C ALA A 257 -21.94 -25.11 12.77
N THR A 258 -21.07 -25.92 13.37
CA THR A 258 -20.97 -27.35 13.04
C THR A 258 -21.78 -28.28 13.93
N GLY A 259 -22.41 -27.80 15.00
CA GLY A 259 -23.36 -28.64 15.73
C GLY A 259 -22.71 -29.77 16.53
N GLU A 260 -23.54 -30.76 16.89
CA GLU A 260 -23.14 -31.90 17.72
C GLU A 260 -23.65 -33.20 17.10
N ARG A 261 -23.19 -34.33 17.65
CA ARG A 261 -23.68 -35.64 17.26
C ARG A 261 -23.89 -36.49 18.51
N PRO A 262 -24.66 -37.58 18.43
CA PRO A 262 -24.97 -38.35 19.65
C PRO A 262 -23.76 -39.07 20.25
N LYS A 263 -23.77 -39.22 21.56
CA LYS A 263 -22.80 -40.01 22.31
C LYS A 263 -23.24 -41.48 22.42
N TYR A 264 -22.25 -42.39 22.52
CA TYR A 264 -22.46 -43.78 22.91
C TYR A 264 -21.77 -44.05 24.24
N PRO A 265 -22.34 -44.89 25.10
CA PRO A 265 -21.63 -45.27 26.33
C PRO A 265 -20.48 -46.23 26.02
N GLU A 266 -19.50 -46.24 26.92
CA GLU A 266 -18.26 -47.00 26.72
C GLU A 266 -18.46 -48.44 27.23
N ILE A 267 -19.29 -49.20 26.51
CA ILE A 267 -19.59 -50.58 26.88
C ILE A 267 -19.52 -51.47 25.66
N PRO A 268 -19.23 -52.76 25.85
CA PRO A 268 -19.17 -53.69 24.71
C PRO A 268 -20.51 -53.82 24.02
N GLY A 269 -20.47 -53.83 22.68
CA GLY A 269 -21.65 -54.04 21.86
C GLY A 269 -22.45 -52.78 21.55
N ALA A 270 -22.17 -51.65 22.19
CA ALA A 270 -23.05 -50.48 22.01
C ALA A 270 -22.95 -49.93 20.59
N VAL A 271 -21.73 -49.68 20.11
CA VAL A 271 -21.56 -49.13 18.77
C VAL A 271 -21.94 -50.16 17.71
N GLU A 272 -21.64 -51.42 17.97
CA GLU A 272 -21.85 -52.48 16.99
C GLU A 272 -23.33 -52.81 16.79
N TYR A 273 -24.12 -52.85 17.88
CA TYR A 273 -25.45 -53.42 17.81
C TYR A 273 -26.58 -52.47 18.18
N GLY A 274 -26.29 -51.29 18.76
CA GLY A 274 -27.31 -50.29 19.05
C GLY A 274 -27.39 -49.23 17.96
N ILE A 275 -28.43 -48.38 18.05
CA ILE A 275 -28.62 -47.25 17.15
C ILE A 275 -28.84 -45.99 17.99
N THR A 276 -28.88 -44.83 17.32
CA THR A 276 -29.26 -43.58 17.97
C THR A 276 -30.39 -42.92 17.19
N SER A 277 -30.80 -41.73 17.65
CA SER A 277 -31.81 -40.96 16.92
C SER A 277 -31.37 -40.65 15.48
N ASP A 278 -30.05 -40.52 15.23
CA ASP A 278 -29.56 -40.32 13.86
C ASP A 278 -30.05 -41.41 12.90
N ASP A 279 -30.21 -42.64 13.40
CA ASP A 279 -30.61 -43.77 12.56
C ASP A 279 -32.12 -44.00 12.56
N LEU A 280 -32.80 -43.62 13.65
CA LEU A 280 -34.20 -43.99 13.85
C LEU A 280 -35.11 -43.42 12.76
N PHE A 281 -34.89 -42.16 12.37
CA PHE A 281 -35.88 -41.48 11.53
C PHE A 281 -35.91 -41.95 10.09
N SER A 282 -34.94 -42.75 9.63
CA SER A 282 -34.99 -43.35 8.30
C SER A 282 -34.90 -44.87 8.33
N LEU A 283 -35.17 -45.49 9.48
CA LEU A 283 -34.97 -46.93 9.64
C LEU A 283 -35.90 -47.71 8.70
N PRO A 284 -35.40 -48.67 7.93
CA PRO A 284 -36.26 -49.34 6.94
C PRO A 284 -37.21 -50.41 7.51
N TYR A 285 -37.04 -50.83 8.77
CA TYR A 285 -37.94 -51.75 9.46
C TYR A 285 -38.47 -51.13 10.74
N PHE A 286 -39.65 -51.58 11.19
CA PHE A 286 -40.14 -51.17 12.50
C PHE A 286 -39.20 -51.72 13.58
N PRO A 287 -38.84 -50.92 14.58
CA PRO A 287 -37.88 -51.38 15.60
C PRO A 287 -38.33 -52.60 16.38
N GLY A 288 -39.64 -52.86 16.48
CA GLY A 288 -40.12 -53.96 17.30
C GLY A 288 -39.98 -53.67 18.78
N LYS A 289 -39.82 -54.72 19.58
CA LYS A 289 -39.62 -54.55 21.01
C LYS A 289 -38.32 -53.79 21.27
N THR A 290 -38.44 -52.63 21.94
CA THR A 290 -37.39 -51.61 21.98
C THR A 290 -37.02 -51.22 23.39
N LEU A 291 -35.71 -51.11 23.62
CA LEU A 291 -35.17 -50.49 24.82
C LEU A 291 -34.55 -49.14 24.46
N VAL A 292 -34.95 -48.09 25.18
CA VAL A 292 -34.34 -46.76 25.10
C VAL A 292 -33.52 -46.54 26.36
N ILE A 293 -32.22 -46.30 26.19
CA ILE A 293 -31.30 -46.03 27.29
C ILE A 293 -31.08 -44.52 27.35
N GLY A 294 -31.48 -43.92 28.47
CA GLY A 294 -31.40 -42.48 28.66
C GLY A 294 -32.73 -41.91 29.13
N ALA A 295 -32.67 -40.62 29.50
CA ALA A 295 -33.84 -39.99 30.10
C ALA A 295 -33.96 -38.52 29.74
N SER A 296 -33.29 -38.08 28.67
CA SER A 296 -33.39 -36.75 28.09
C SER A 296 -34.74 -36.57 27.40
N TYR A 297 -34.99 -35.36 26.90
CA TYR A 297 -36.20 -35.16 26.11
C TYR A 297 -36.18 -36.00 24.83
N VAL A 298 -35.00 -36.22 24.23
CA VAL A 298 -34.91 -37.10 23.05
C VAL A 298 -35.37 -38.51 23.41
N ALA A 299 -34.83 -39.05 24.51
CA ALA A 299 -35.22 -40.39 24.93
C ALA A 299 -36.73 -40.51 25.15
N LEU A 300 -37.33 -39.59 25.91
CA LEU A 300 -38.74 -39.74 26.25
C LEU A 300 -39.65 -39.48 25.04
N GLU A 301 -39.27 -38.55 24.16
CA GLU A 301 -40.09 -38.30 22.96
C GLU A 301 -40.09 -39.52 22.04
N CYS A 302 -38.93 -40.16 21.85
CA CYS A 302 -38.87 -41.33 20.97
C CYS A 302 -39.60 -42.52 21.58
N ALA A 303 -39.39 -42.79 22.88
CA ALA A 303 -40.14 -43.86 23.52
C ALA A 303 -41.64 -43.61 23.44
N GLY A 304 -42.05 -42.34 23.59
CA GLY A 304 -43.46 -42.01 23.56
C GLY A 304 -44.15 -42.34 22.25
N PHE A 305 -43.60 -41.88 21.12
CA PHE A 305 -44.31 -42.16 19.88
C PHE A 305 -44.18 -43.65 19.48
N LEU A 306 -43.06 -44.31 19.78
CA LEU A 306 -42.99 -45.76 19.49
C LEU A 306 -44.10 -46.52 20.23
N ALA A 307 -44.42 -46.13 21.48
CA ALA A 307 -45.49 -46.81 22.20
C ALA A 307 -46.86 -46.53 21.57
N SER A 308 -47.11 -45.28 21.18
CA SER A 308 -48.39 -44.95 20.55
C SER A 308 -48.58 -45.65 19.21
N LEU A 309 -47.50 -46.00 18.52
CA LEU A 309 -47.60 -46.72 17.25
C LEU A 309 -47.71 -48.22 17.42
N GLY A 310 -47.90 -48.70 18.66
CA GLY A 310 -48.09 -50.11 18.92
C GLY A 310 -46.89 -50.87 19.43
N GLY A 311 -45.78 -50.19 19.74
CA GLY A 311 -44.57 -50.90 20.14
C GLY A 311 -44.54 -51.27 21.62
N ASP A 312 -43.75 -52.30 21.90
CA ASP A 312 -43.42 -52.72 23.27
C ASP A 312 -42.12 -52.01 23.66
N VAL A 313 -42.22 -51.02 24.56
CA VAL A 313 -41.13 -50.06 24.81
C VAL A 313 -40.78 -50.01 26.30
N THR A 314 -39.47 -50.03 26.58
CA THR A 314 -38.90 -49.85 27.92
C THR A 314 -37.87 -48.72 27.90
N VAL A 315 -37.86 -47.91 28.96
CA VAL A 315 -36.87 -46.84 29.14
C VAL A 315 -36.05 -47.18 30.38
N MET A 316 -34.72 -47.15 30.23
CA MET A 316 -33.79 -47.48 31.32
C MET A 316 -33.17 -46.17 31.82
N VAL A 317 -33.51 -45.79 33.06
CA VAL A 317 -33.22 -44.47 33.62
C VAL A 317 -32.09 -44.58 34.65
N ARG A 318 -30.96 -43.91 34.38
CA ARG A 318 -29.84 -43.90 35.31
C ARG A 318 -30.22 -43.28 36.67
N SER A 319 -30.75 -42.05 36.66
CA SER A 319 -31.13 -41.40 37.91
C SER A 319 -32.54 -40.80 37.82
N ILE A 320 -32.69 -39.65 37.14
CA ILE A 320 -33.96 -38.94 37.07
C ILE A 320 -34.32 -38.68 35.62
N LEU A 321 -35.61 -38.37 35.40
CA LEU A 321 -36.13 -37.94 34.11
C LEU A 321 -35.90 -36.44 33.92
N LEU A 322 -35.51 -36.05 32.70
CA LEU A 322 -35.46 -34.64 32.29
C LEU A 322 -34.62 -33.79 33.27
N ARG A 323 -33.41 -34.28 33.58
CA ARG A 323 -32.48 -33.51 34.41
C ARG A 323 -32.31 -32.10 33.87
N GLY A 324 -32.45 -31.10 34.75
CA GLY A 324 -32.39 -29.71 34.37
C GLY A 324 -33.73 -29.04 34.13
N PHE A 325 -34.80 -29.81 33.98
CA PHE A 325 -36.17 -29.29 33.94
C PHE A 325 -36.82 -29.43 35.32
N ASP A 326 -37.89 -28.64 35.55
CA ASP A 326 -38.69 -28.70 36.78
C ASP A 326 -39.09 -30.14 37.10
N GLN A 327 -38.71 -30.64 38.30
CA GLN A 327 -38.82 -32.09 38.54
C GLN A 327 -40.24 -32.54 38.88
N GLN A 328 -41.09 -31.68 39.46
CA GLN A 328 -42.50 -32.02 39.57
C GLN A 328 -43.10 -32.28 38.20
N MET A 329 -42.82 -31.38 37.24
CA MET A 329 -43.38 -31.56 35.90
C MET A 329 -42.80 -32.82 35.23
N ALA A 330 -41.50 -33.07 35.40
CA ALA A 330 -40.90 -34.27 34.82
C ALA A 330 -41.57 -35.53 35.33
N GLU A 331 -41.84 -35.59 36.64
CA GLU A 331 -42.51 -36.76 37.21
C GLU A 331 -43.93 -36.93 36.66
N LYS A 332 -44.66 -35.83 36.45
CA LYS A 332 -46.00 -35.96 35.86
C LYS A 332 -45.93 -36.47 34.42
N VAL A 333 -44.95 -35.99 33.64
CA VAL A 333 -44.75 -36.46 32.27
C VAL A 333 -44.55 -37.96 32.24
N GLY A 334 -43.68 -38.47 33.12
CA GLY A 334 -43.37 -39.89 33.12
C GLY A 334 -44.51 -40.75 33.63
N ASP A 335 -45.21 -40.28 34.67
CA ASP A 335 -46.37 -41.02 35.18
C ASP A 335 -47.42 -41.23 34.09
N TYR A 336 -47.68 -40.20 33.27
CA TYR A 336 -48.61 -40.35 32.17
C TYR A 336 -48.11 -41.43 31.20
N MET A 337 -46.81 -41.41 30.89
CA MET A 337 -46.25 -42.36 29.94
C MET A 337 -46.38 -43.79 30.46
N GLU A 338 -46.14 -43.96 31.76
CA GLU A 338 -46.21 -45.29 32.37
C GLU A 338 -47.63 -45.80 32.49
N ASN A 339 -48.60 -44.90 32.69
CA ASN A 339 -50.00 -45.33 32.70
C ASN A 339 -50.51 -45.69 31.32
N HIS A 340 -49.87 -45.19 30.26
CA HIS A 340 -50.25 -45.52 28.89
C HIS A 340 -49.25 -46.47 28.21
N GLY A 341 -48.59 -47.35 28.98
CA GLY A 341 -47.92 -48.51 28.42
C GLY A 341 -46.40 -48.51 28.47
N VAL A 342 -45.74 -47.35 28.55
CA VAL A 342 -44.28 -47.33 28.58
C VAL A 342 -43.78 -47.93 29.89
N LYS A 343 -42.87 -48.90 29.80
CA LYS A 343 -42.25 -49.48 30.99
C LYS A 343 -40.94 -48.76 31.31
N PHE A 344 -40.64 -48.63 32.61
CA PHE A 344 -39.48 -47.91 33.08
C PHE A 344 -38.64 -48.82 33.98
N ALA A 345 -37.34 -48.92 33.68
CA ALA A 345 -36.36 -49.60 34.52
C ALA A 345 -35.56 -48.53 35.23
N LYS A 346 -35.96 -48.23 36.47
CA LYS A 346 -35.50 -47.07 37.20
C LYS A 346 -34.22 -47.35 37.98
N LEU A 347 -33.33 -46.35 38.03
CA LEU A 347 -32.05 -46.44 38.76
C LEU A 347 -31.19 -47.59 38.21
N CYS A 348 -30.97 -47.59 36.89
CA CYS A 348 -30.43 -48.75 36.19
C CYS A 348 -29.55 -48.29 35.03
N VAL A 349 -28.42 -48.97 34.82
CA VAL A 349 -27.50 -48.65 33.72
C VAL A 349 -27.08 -49.93 33.01
N PRO A 350 -26.72 -49.81 31.73
CA PRO A 350 -26.32 -51.00 30.97
C PRO A 350 -24.83 -51.32 31.09
N ASP A 351 -24.53 -52.62 31.08
CA ASP A 351 -23.14 -53.10 31.12
C ASP A 351 -22.64 -53.68 29.80
N GLU A 352 -23.50 -54.29 29.01
CA GLU A 352 -23.09 -54.89 27.74
C GLU A 352 -24.30 -55.24 26.88
N ILE A 353 -24.09 -55.17 25.55
CA ILE A 353 -25.08 -55.59 24.54
C ILE A 353 -24.53 -56.80 23.79
N LYS A 354 -25.27 -57.90 23.82
CA LYS A 354 -24.97 -59.13 23.11
C LYS A 354 -25.85 -59.35 21.88
N GLN A 355 -25.24 -59.77 20.76
CA GLN A 355 -26.00 -60.02 19.54
C GLN A 355 -26.48 -61.47 19.47
N LEU A 356 -27.80 -61.64 19.31
CA LEU A 356 -28.43 -62.95 19.14
C LEU A 356 -28.89 -63.23 17.71
N LYS A 357 -29.34 -62.20 16.98
CA LYS A 357 -29.64 -62.29 15.55
C LYS A 357 -29.16 -61.02 14.86
N VAL A 358 -28.61 -61.18 13.65
CA VAL A 358 -28.21 -60.08 12.78
C VAL A 358 -29.45 -59.50 12.11
N VAL A 359 -29.42 -58.17 11.88
CA VAL A 359 -30.52 -57.50 11.17
C VAL A 359 -30.76 -58.17 9.82
N ASP A 360 -32.03 -58.45 9.52
CA ASP A 360 -32.44 -59.14 8.28
C ASP A 360 -32.73 -58.08 7.20
N THR A 361 -31.68 -57.70 6.48
CA THR A 361 -31.79 -56.65 5.48
C THR A 361 -32.66 -57.05 4.29
N GLU A 362 -32.81 -58.36 4.03
CA GLU A 362 -33.66 -58.80 2.93
C GLU A 362 -35.14 -58.68 3.28
N ASN A 363 -35.59 -59.48 4.24
CA ASN A 363 -36.99 -59.48 4.65
C ASN A 363 -37.38 -58.26 5.46
N ASN A 364 -36.44 -57.35 5.69
CA ASN A 364 -36.72 -56.02 6.25
C ASN A 364 -37.21 -56.14 7.70
N LYS A 365 -36.35 -56.73 8.54
CA LYS A 365 -36.69 -57.09 9.92
C LYS A 365 -35.51 -56.77 10.83
N PRO A 366 -35.78 -56.37 12.07
CA PRO A 366 -34.69 -56.19 13.04
C PRO A 366 -34.05 -57.51 13.41
N GLY A 367 -32.89 -57.42 14.05
CA GLY A 367 -32.25 -58.57 14.68
C GLY A 367 -32.78 -58.80 16.07
N LEU A 368 -31.91 -59.28 16.96
CA LEU A 368 -32.27 -59.60 18.34
C LEU A 368 -31.04 -59.48 19.22
N LEU A 369 -31.24 -58.90 20.41
CA LEU A 369 -30.15 -58.53 21.30
C LEU A 369 -30.46 -58.98 22.73
N LEU A 370 -29.40 -59.29 23.48
CA LEU A 370 -29.48 -59.50 24.93
C LEU A 370 -28.81 -58.32 25.65
N VAL A 371 -29.56 -57.65 26.51
CA VAL A 371 -29.05 -56.51 27.29
C VAL A 371 -28.82 -56.93 28.73
N LYS A 372 -27.62 -56.66 29.24
CA LYS A 372 -27.26 -56.93 30.63
C LYS A 372 -26.88 -55.63 31.30
N GLY A 373 -27.44 -55.39 32.50
CA GLY A 373 -27.13 -54.20 33.27
C GLY A 373 -27.29 -54.40 34.76
N HIS A 374 -27.32 -53.33 35.55
CA HIS A 374 -27.52 -53.47 36.99
C HIS A 374 -28.11 -52.20 37.60
N TYR A 375 -28.91 -52.39 38.66
CA TYR A 375 -29.51 -51.31 39.44
C TYR A 375 -28.52 -50.78 40.49
N THR A 376 -28.80 -49.58 41.01
CA THR A 376 -27.79 -48.92 41.83
C THR A 376 -27.57 -49.64 43.16
N ASP A 377 -28.48 -50.53 43.56
CA ASP A 377 -28.26 -51.30 44.77
C ASP A 377 -27.51 -52.59 44.51
N GLY A 378 -27.21 -52.89 43.25
CA GLY A 378 -26.44 -54.06 42.88
C GLY A 378 -27.22 -55.17 42.19
N LYS A 379 -28.54 -55.20 42.28
CA LYS A 379 -29.27 -56.28 41.62
C LYS A 379 -29.10 -56.19 40.09
N LYS A 380 -29.42 -57.28 39.42
CA LYS A 380 -29.06 -57.50 38.02
C LYS A 380 -30.25 -57.22 37.11
N PHE A 381 -29.94 -56.72 35.91
CA PHE A 381 -30.90 -56.56 34.82
C PHE A 381 -30.47 -57.45 33.65
N GLU A 382 -31.41 -58.20 33.07
CA GLU A 382 -31.13 -59.03 31.89
C GLU A 382 -32.41 -59.27 31.11
N GLU A 383 -32.45 -58.88 29.84
CA GLU A 383 -33.68 -59.01 29.05
C GLU A 383 -33.34 -58.84 27.57
N GLU A 384 -34.16 -59.46 26.70
CA GLU A 384 -33.97 -59.42 25.25
C GLU A 384 -34.79 -58.30 24.61
N PHE A 385 -34.23 -57.69 23.55
CA PHE A 385 -34.90 -56.65 22.77
C PHE A 385 -34.51 -56.78 21.30
N GLU A 386 -35.41 -56.32 20.42
CA GLU A 386 -35.08 -56.30 19.00
C GLU A 386 -34.28 -55.06 18.60
N THR A 387 -34.48 -53.93 19.30
CA THR A 387 -33.77 -52.69 19.01
C THR A 387 -33.36 -52.01 20.31
N VAL A 388 -32.14 -51.46 20.34
CA VAL A 388 -31.63 -50.72 21.50
C VAL A 388 -31.21 -49.34 21.00
N ILE A 389 -31.87 -48.30 21.53
CA ILE A 389 -31.60 -46.92 21.13
C ILE A 389 -30.90 -46.21 22.29
N PHE A 390 -29.73 -45.63 22.01
CA PHE A 390 -29.00 -44.83 22.98
C PHE A 390 -29.36 -43.36 22.80
N ALA A 391 -29.82 -42.74 23.90
CA ALA A 391 -30.08 -41.29 23.98
C ALA A 391 -29.46 -40.78 25.28
N VAL A 392 -28.13 -40.72 25.31
CA VAL A 392 -27.38 -40.43 26.54
C VAL A 392 -26.56 -39.15 26.37
N GLY A 393 -27.03 -38.24 25.54
CA GLY A 393 -26.40 -36.95 25.36
C GLY A 393 -25.79 -36.80 23.98
N ARG A 394 -25.32 -35.57 23.72
CA ARG A 394 -24.75 -35.15 22.44
C ARG A 394 -23.52 -34.29 22.72
N GLU A 395 -22.60 -34.22 21.75
CA GLU A 395 -21.33 -33.54 21.98
C GLU A 395 -20.74 -33.06 20.66
N PRO A 396 -20.01 -31.95 20.67
CA PRO A 396 -19.31 -31.50 19.46
C PRO A 396 -18.02 -32.29 19.31
N GLN A 397 -17.40 -32.15 18.18
CA GLN A 397 -16.09 -32.75 18.04
C GLN A 397 -15.23 -31.74 17.28
N LEU A 398 -14.87 -30.66 17.97
CA LEU A 398 -14.21 -29.55 17.30
C LEU A 398 -12.76 -29.87 16.95
N SER A 399 -12.13 -30.81 17.66
CA SER A 399 -10.84 -31.32 17.20
C SER A 399 -11.06 -32.17 15.96
N LYS A 400 -11.39 -31.51 14.85
CA LYS A 400 -11.87 -32.10 13.60
C LYS A 400 -12.23 -30.92 12.71
N VAL A 401 -12.60 -29.84 13.36
CA VAL A 401 -12.96 -28.60 12.70
C VAL A 401 -11.88 -27.54 12.85
N LEU A 402 -11.05 -27.63 13.89
CA LEU A 402 -10.35 -26.48 14.45
C LEU A 402 -8.95 -26.90 14.89
N CYS A 403 -7.93 -26.46 14.14
CA CYS A 403 -6.55 -26.63 14.57
C CYS A 403 -6.28 -25.86 15.86
N GLU A 404 -5.56 -26.51 16.78
CA GLU A 404 -5.30 -25.90 18.09
C GLU A 404 -4.42 -24.68 17.96
N THR A 405 -3.61 -24.61 16.90
CA THR A 405 -2.73 -23.47 16.71
C THR A 405 -3.47 -22.20 16.30
N VAL A 406 -4.74 -22.29 15.90
CA VAL A 406 -5.48 -21.10 15.51
C VAL A 406 -5.72 -20.20 16.71
N GLY A 407 -5.93 -20.79 17.89
CA GLY A 407 -6.11 -20.02 19.11
C GLY A 407 -7.55 -19.80 19.56
N VAL A 408 -8.50 -20.60 19.08
CA VAL A 408 -9.89 -20.47 19.53
C VAL A 408 -10.06 -21.24 20.82
N LYS A 409 -10.45 -20.54 21.89
CA LYS A 409 -10.55 -21.13 23.23
C LYS A 409 -11.82 -21.97 23.37
N LEU A 410 -11.67 -23.16 23.94
CA LEU A 410 -12.79 -24.04 24.27
C LEU A 410 -12.91 -24.21 25.79
N ASP A 411 -14.12 -24.55 26.25
CA ASP A 411 -14.34 -24.85 27.66
C ASP A 411 -14.08 -26.35 27.91
N LYS A 412 -14.32 -26.80 29.15
CA LYS A 412 -14.04 -28.19 29.53
C LYS A 412 -14.92 -29.20 28.79
N ASN A 413 -16.08 -28.79 28.28
CA ASN A 413 -16.93 -29.67 27.49
C ASN A 413 -16.67 -29.58 26.00
N GLY A 414 -15.68 -28.82 25.57
CA GLY A 414 -15.36 -28.75 24.15
C GLY A 414 -16.21 -27.80 23.35
N ARG A 415 -16.95 -26.90 23.99
CA ARG A 415 -17.72 -25.87 23.30
C ARG A 415 -16.95 -24.55 23.26
N VAL A 416 -17.29 -23.70 22.31
CA VAL A 416 -16.51 -22.48 22.06
C VAL A 416 -16.91 -21.37 23.03
N VAL A 417 -15.91 -20.72 23.63
CA VAL A 417 -16.14 -19.62 24.57
C VAL A 417 -16.26 -18.32 23.78
N CYS A 418 -17.42 -17.65 23.92
CA CYS A 418 -17.75 -16.49 23.10
C CYS A 418 -18.15 -15.32 23.98
N THR A 419 -17.90 -14.11 23.46
CA THR A 419 -18.48 -12.88 23.98
C THR A 419 -19.98 -12.83 23.67
N ASP A 420 -20.65 -11.82 24.23
CA ASP A 420 -22.09 -11.69 24.03
C ASP A 420 -22.47 -11.27 22.62
N ASP A 421 -21.49 -11.06 21.73
CA ASP A 421 -21.73 -10.86 20.31
C ASP A 421 -21.23 -12.02 19.46
N GLU A 422 -21.06 -13.21 20.06
CA GLU A 422 -20.66 -14.47 19.43
C GLU A 422 -19.19 -14.50 19.00
N GLN A 423 -18.38 -13.50 19.39
CA GLN A 423 -16.97 -13.49 18.99
C GLN A 423 -16.15 -14.49 19.80
N THR A 424 -15.30 -15.26 19.14
CA THR A 424 -14.34 -16.15 19.79
C THR A 424 -13.12 -15.35 20.25
N THR A 425 -12.10 -16.04 20.78
CA THR A 425 -10.83 -15.40 21.13
C THR A 425 -9.98 -15.04 19.91
N VAL A 426 -10.45 -15.34 18.70
CA VAL A 426 -9.81 -14.90 17.46
C VAL A 426 -10.76 -13.93 16.77
N SER A 427 -10.26 -12.72 16.49
CA SER A 427 -11.11 -11.54 16.34
C SER A 427 -12.06 -11.61 15.14
N ASN A 428 -11.68 -12.31 14.06
CA ASN A 428 -12.51 -12.45 12.87
C ASN A 428 -13.36 -13.73 12.88
N VAL A 429 -13.32 -14.53 13.93
CA VAL A 429 -13.96 -15.84 13.97
C VAL A 429 -15.07 -15.81 15.01
N TYR A 430 -16.26 -16.30 14.62
CA TYR A 430 -17.45 -16.29 15.46
C TYR A 430 -18.01 -17.71 15.52
N ALA A 431 -18.84 -17.98 16.55
CA ALA A 431 -19.50 -19.28 16.71
C ALA A 431 -20.96 -19.11 17.09
N ILE A 432 -21.84 -19.94 16.50
CA ILE A 432 -23.28 -19.87 16.74
C ILE A 432 -23.86 -21.26 16.94
N GLY A 433 -25.03 -21.32 17.55
CA GLY A 433 -25.74 -22.58 17.64
C GLY A 433 -25.27 -23.43 18.80
N ASP A 434 -25.41 -24.77 18.65
CA ASP A 434 -25.15 -25.69 19.76
C ASP A 434 -23.70 -25.67 20.25
N ILE A 435 -22.73 -25.25 19.43
CA ILE A 435 -21.35 -25.27 19.91
C ILE A 435 -20.97 -24.03 20.70
N ASN A 436 -21.85 -23.04 20.82
CA ASN A 436 -21.57 -21.82 21.60
C ASN A 436 -21.83 -22.14 23.08
N ALA A 437 -20.75 -22.18 23.87
CA ALA A 437 -20.85 -22.63 25.25
C ALA A 437 -21.86 -21.82 26.05
N GLY A 438 -22.63 -22.52 26.88
CA GLY A 438 -23.51 -21.87 27.82
C GLY A 438 -24.86 -21.43 27.29
N LYS A 439 -25.13 -21.61 25.97
CA LYS A 439 -26.38 -21.13 25.39
C LYS A 439 -27.42 -22.25 25.29
N PRO A 440 -28.72 -21.92 25.32
CA PRO A 440 -29.75 -22.95 25.06
C PRO A 440 -29.55 -23.56 23.68
N GLN A 441 -29.68 -24.88 23.61
CA GLN A 441 -29.37 -25.63 22.40
C GLN A 441 -30.67 -25.90 21.64
N LEU A 442 -31.14 -24.89 20.91
CA LEU A 442 -32.46 -24.92 20.27
C LEU A 442 -32.35 -24.32 18.88
N THR A 443 -33.18 -24.82 17.95
CA THR A 443 -33.12 -24.34 16.57
C THR A 443 -33.47 -22.86 16.43
N PRO A 444 -34.55 -22.35 17.00
CA PRO A 444 -34.82 -20.90 16.83
C PRO A 444 -33.76 -20.01 17.47
N VAL A 445 -33.04 -20.48 18.50
CA VAL A 445 -31.95 -19.68 19.02
C VAL A 445 -30.82 -19.57 18.00
N ALA A 446 -30.47 -20.69 17.37
CA ALA A 446 -29.38 -20.69 16.39
C ALA A 446 -29.72 -19.80 15.20
N ILE A 447 -30.97 -19.84 14.75
CA ILE A 447 -31.41 -19.01 13.63
C ILE A 447 -31.34 -17.53 14.01
N GLN A 448 -31.86 -17.17 15.19
CA GLN A 448 -31.79 -15.77 15.62
C GLN A 448 -30.32 -15.30 15.76
N ALA A 449 -29.48 -16.13 16.37
CA ALA A 449 -28.08 -15.75 16.53
C ALA A 449 -27.41 -15.53 15.18
N GLY A 450 -27.69 -16.40 14.21
CA GLY A 450 -27.03 -16.29 12.92
C GLY A 450 -27.48 -15.08 12.11
N ARG A 451 -28.79 -14.82 12.06
CA ARG A 451 -29.29 -13.69 11.28
C ARG A 451 -28.84 -12.36 11.91
N TYR A 452 -28.92 -12.25 13.24
CA TYR A 452 -28.54 -11.00 13.90
C TYR A 452 -27.03 -10.75 13.74
N LEU A 453 -26.20 -11.79 13.86
CA LEU A 453 -24.76 -11.64 13.67
C LEU A 453 -24.42 -11.15 12.26
N ALA A 454 -25.04 -11.76 11.24
CA ALA A 454 -24.82 -11.33 9.85
C ALA A 454 -25.13 -9.85 9.66
N ARG A 455 -26.17 -9.37 10.31
CA ARG A 455 -26.54 -7.96 10.16
C ARG A 455 -25.53 -7.03 10.84
N ARG A 456 -24.99 -7.43 11.99
CA ARG A 456 -23.92 -6.65 12.62
C ARG A 456 -22.66 -6.63 11.77
N LEU A 457 -22.28 -7.76 11.17
CA LEU A 457 -21.06 -7.82 10.38
C LEU A 457 -21.18 -7.00 9.10
N PHE A 458 -22.31 -7.07 8.42
CA PHE A 458 -22.35 -6.57 7.04
C PHE A 458 -23.34 -5.45 6.79
N ALA A 459 -24.14 -5.06 7.79
CA ALA A 459 -25.11 -3.98 7.59
C ALA A 459 -25.10 -2.93 8.69
N GLY A 460 -24.12 -2.95 9.59
CA GLY A 460 -24.04 -1.92 10.62
C GLY A 460 -25.04 -2.04 11.76
N ALA A 461 -25.78 -3.14 11.85
CA ALA A 461 -26.73 -3.30 12.95
C ALA A 461 -25.99 -3.40 14.28
N THR A 462 -26.71 -3.13 15.37
CA THR A 462 -26.17 -3.26 16.72
C THR A 462 -26.88 -4.28 17.60
N GLU A 463 -28.03 -4.80 17.18
CA GLU A 463 -28.87 -5.59 18.08
C GLU A 463 -28.20 -6.92 18.40
N LEU A 464 -28.21 -7.30 19.68
CA LEU A 464 -27.68 -8.57 20.13
C LEU A 464 -28.80 -9.59 20.27
N THR A 465 -28.44 -10.88 20.27
CA THR A 465 -29.39 -11.94 20.58
C THR A 465 -29.57 -12.02 22.09
N ASP A 466 -30.82 -12.08 22.55
CA ASP A 466 -31.15 -12.23 23.96
C ASP A 466 -31.44 -13.70 24.26
N TYR A 467 -30.60 -14.33 25.08
CA TYR A 467 -30.70 -15.76 25.38
C TYR A 467 -31.46 -16.07 26.67
N SER A 468 -32.08 -15.08 27.32
CA SER A 468 -32.74 -15.30 28.61
C SER A 468 -34.23 -15.65 28.43
N ASN A 469 -34.73 -16.52 29.32
CA ASN A 469 -36.16 -16.88 29.35
C ASN A 469 -36.67 -17.42 28.01
N VAL A 470 -35.85 -18.20 27.31
CA VAL A 470 -36.28 -18.80 26.05
C VAL A 470 -37.19 -19.99 26.34
N ALA A 471 -38.41 -19.97 25.79
CA ALA A 471 -39.39 -21.01 26.07
C ALA A 471 -39.03 -22.32 25.33
N THR A 472 -39.56 -23.43 25.85
CA THR A 472 -39.28 -24.79 25.38
C THR A 472 -40.58 -25.59 25.34
N THR A 473 -40.62 -26.65 24.52
CA THR A 473 -41.68 -27.64 24.66
C THR A 473 -41.12 -29.04 24.41
N VAL A 474 -41.42 -29.96 25.32
CA VAL A 474 -41.09 -31.38 25.21
C VAL A 474 -42.31 -32.11 24.64
N PHE A 475 -42.13 -32.74 23.47
CA PHE A 475 -43.26 -33.35 22.76
C PHE A 475 -43.45 -34.83 23.11
N THR A 476 -43.59 -35.08 24.41
CA THR A 476 -44.01 -36.38 24.91
C THR A 476 -45.50 -36.62 24.61
N PRO A 477 -46.01 -37.86 24.80
CA PRO A 477 -47.42 -38.13 24.44
C PRO A 477 -48.41 -37.13 25.04
N LEU A 478 -48.24 -36.76 26.30
CA LEU A 478 -48.81 -35.51 26.81
C LEU A 478 -47.69 -34.46 26.90
N GLU A 479 -47.87 -33.35 26.19
CA GLU A 479 -46.79 -32.39 25.94
C GLU A 479 -46.54 -31.47 27.14
N TYR A 480 -45.31 -30.99 27.30
CA TYR A 480 -44.90 -30.15 28.43
C TYR A 480 -44.18 -28.89 27.94
N GLY A 481 -44.83 -27.74 28.11
CA GLY A 481 -44.26 -26.46 27.72
C GLY A 481 -43.83 -25.68 28.94
N ALA A 482 -42.75 -24.89 28.79
CA ALA A 482 -42.21 -24.10 29.90
C ALA A 482 -41.52 -22.83 29.40
N CYS A 483 -41.50 -21.80 30.26
CA CYS A 483 -40.76 -20.57 30.01
C CYS A 483 -40.29 -19.98 31.33
N GLY A 484 -38.97 -19.86 31.50
CA GLY A 484 -38.37 -19.29 32.70
C GLY A 484 -37.90 -20.33 33.70
N LEU A 485 -37.86 -19.99 34.99
CA LEU A 485 -37.26 -20.85 36.01
C LEU A 485 -38.16 -22.01 36.44
N SER A 486 -37.55 -23.16 36.73
CA SER A 486 -38.25 -24.20 37.47
C SER A 486 -38.53 -23.71 38.88
N GLU A 487 -39.46 -24.40 39.55
CA GLU A 487 -39.81 -24.00 40.91
C GLU A 487 -38.62 -24.16 41.86
N GLU A 488 -37.89 -25.29 41.75
CA GLU A 488 -36.74 -25.50 42.63
C GLU A 488 -35.62 -24.49 42.38
N ASP A 489 -35.40 -24.07 41.12
CA ASP A 489 -34.40 -23.05 40.87
C ASP A 489 -34.80 -21.71 41.46
N ALA A 490 -36.09 -21.36 41.37
CA ALA A 490 -36.54 -20.08 41.92
C ALA A 490 -36.37 -20.05 43.43
N ILE A 491 -36.68 -21.17 44.10
CA ILE A 491 -36.54 -21.24 45.56
C ILE A 491 -35.08 -21.15 45.96
N GLU A 492 -34.19 -21.84 45.23
CA GLU A 492 -32.76 -21.72 45.52
C GLU A 492 -32.27 -20.28 45.40
N LYS A 493 -32.77 -19.53 44.42
CA LYS A 493 -32.21 -18.20 44.15
C LYS A 493 -32.76 -17.14 45.11
N TYR A 494 -34.02 -17.25 45.52
CA TYR A 494 -34.65 -16.19 46.28
C TYR A 494 -35.10 -16.60 47.68
N GLY A 495 -35.13 -17.90 47.99
CA GLY A 495 -35.63 -18.40 49.26
C GLY A 495 -37.11 -18.73 49.24
N ASP A 496 -37.50 -19.79 49.95
CA ASP A 496 -38.88 -20.28 49.91
C ASP A 496 -39.90 -19.24 50.35
N LYS A 497 -39.55 -18.35 51.28
CA LYS A 497 -40.53 -17.40 51.77
C LYS A 497 -40.81 -16.28 50.78
N ASP A 498 -39.92 -16.03 49.83
CA ASP A 498 -40.15 -15.04 48.78
C ASP A 498 -40.78 -15.62 47.52
N ILE A 499 -41.16 -16.91 47.51
CA ILE A 499 -41.74 -17.56 46.33
C ILE A 499 -43.18 -17.98 46.62
N GLU A 500 -44.09 -17.61 45.73
CA GLU A 500 -45.49 -18.04 45.76
C GLU A 500 -45.80 -18.78 44.46
N VAL A 501 -46.50 -19.92 44.57
CA VAL A 501 -46.83 -20.76 43.40
C VAL A 501 -48.34 -20.90 43.29
N TYR A 502 -48.91 -20.44 42.16
CA TYR A 502 -50.33 -20.65 41.86
C TYR A 502 -50.47 -21.82 40.88
N HIS A 503 -51.42 -22.72 41.12
CA HIS A 503 -51.52 -23.92 40.28
C HIS A 503 -52.95 -24.46 40.23
N SER A 504 -53.21 -25.31 39.23
CA SER A 504 -54.51 -25.93 39.02
C SER A 504 -54.38 -27.11 38.06
N ASN A 505 -55.13 -28.18 38.33
CA ASN A 505 -55.41 -29.16 37.30
C ASN A 505 -56.45 -28.60 36.32
N PHE A 506 -56.55 -29.23 35.15
CA PHE A 506 -57.62 -28.90 34.20
C PHE A 506 -57.93 -30.12 33.33
N LYS A 507 -59.05 -30.03 32.62
CA LYS A 507 -59.49 -31.09 31.71
C LYS A 507 -59.88 -30.43 30.38
N PRO A 508 -59.24 -30.79 29.27
CA PRO A 508 -59.66 -30.23 27.97
C PRO A 508 -61.11 -30.60 27.70
N LEU A 509 -61.87 -29.66 27.12
CA LEU A 509 -63.25 -29.97 26.79
C LEU A 509 -63.33 -31.15 25.81
N GLU A 510 -62.37 -31.25 24.90
CA GLU A 510 -62.27 -32.35 23.95
C GLU A 510 -62.20 -33.72 24.62
N TRP A 511 -61.73 -33.78 25.88
CA TRP A 511 -61.60 -35.03 26.59
C TRP A 511 -62.87 -35.46 27.32
N THR A 512 -63.91 -34.61 27.36
CA THR A 512 -65.09 -34.96 28.16
C THR A 512 -65.88 -36.09 27.50
N VAL A 513 -66.35 -35.85 26.26
CA VAL A 513 -67.12 -36.85 25.54
C VAL A 513 -66.28 -38.08 25.23
N ALA A 514 -64.95 -37.91 25.12
CA ALA A 514 -64.05 -39.03 24.84
C ALA A 514 -63.66 -39.86 26.07
N HIS A 515 -64.16 -39.48 27.26
CA HIS A 515 -63.92 -40.21 28.52
C HIS A 515 -62.44 -40.35 28.87
N ARG A 516 -61.65 -39.29 28.66
CA ARG A 516 -60.25 -39.30 29.08
C ARG A 516 -60.14 -38.77 30.52
N GLU A 517 -58.91 -38.63 31.04
CA GLU A 517 -58.68 -38.49 32.47
C GLU A 517 -59.03 -37.10 33.01
N ASP A 518 -59.53 -37.07 34.25
CA ASP A 518 -60.09 -35.85 34.85
C ASP A 518 -59.01 -34.87 35.33
N ASN A 519 -57.96 -35.38 35.97
CA ASN A 519 -57.02 -34.55 36.71
C ASN A 519 -55.57 -34.94 36.37
N VAL A 520 -55.23 -34.98 35.09
CA VAL A 520 -53.87 -35.26 34.67
C VAL A 520 -53.19 -34.00 34.13
N CYS A 521 -53.90 -33.20 33.33
CA CYS A 521 -53.34 -31.94 32.86
C CYS A 521 -53.19 -30.98 34.04
N TYR A 522 -52.15 -30.14 33.98
CA TYR A 522 -51.70 -29.36 35.13
C TYR A 522 -50.92 -28.13 34.68
N MET A 523 -51.05 -27.03 35.42
CA MET A 523 -50.32 -25.79 35.11
C MET A 523 -50.03 -25.03 36.40
N LYS A 524 -48.93 -24.26 36.38
CA LYS A 524 -48.55 -23.45 37.54
C LYS A 524 -47.77 -22.22 37.12
N LEU A 525 -47.83 -21.17 37.95
CA LEU A 525 -47.02 -19.96 37.81
C LEU A 525 -46.16 -19.80 39.07
N VAL A 526 -44.86 -19.64 38.89
CA VAL A 526 -43.89 -19.50 39.97
C VAL A 526 -43.51 -18.02 40.07
N CYS A 527 -43.86 -17.36 41.19
CA CYS A 527 -43.80 -15.91 41.29
C CYS A 527 -42.94 -15.43 42.46
N ARG A 528 -42.40 -14.21 42.34
CA ARG A 528 -41.58 -13.58 43.36
C ARG A 528 -42.38 -12.54 44.14
N LYS A 529 -42.62 -12.82 45.41
CA LYS A 529 -43.45 -11.97 46.26
C LYS A 529 -42.93 -10.54 46.33
N SER A 530 -41.63 -10.39 46.59
CA SER A 530 -41.06 -9.06 46.85
C SER A 530 -40.82 -8.25 45.59
N ASP A 531 -41.12 -8.79 44.41
CA ASP A 531 -41.03 -8.02 43.18
C ASP A 531 -42.40 -7.97 42.50
N ASN A 532 -43.42 -7.52 43.25
CA ASN A 532 -44.78 -7.32 42.74
C ASN A 532 -45.37 -8.60 42.14
N MET A 533 -45.02 -9.77 42.71
CA MET A 533 -45.49 -11.06 42.22
C MET A 533 -45.07 -11.29 40.76
N ARG A 534 -43.83 -10.93 40.44
CA ARG A 534 -43.28 -11.17 39.10
C ARG A 534 -43.37 -12.66 38.74
N VAL A 535 -43.78 -12.96 37.51
CA VAL A 535 -43.81 -14.36 37.07
C VAL A 535 -42.39 -14.77 36.70
N LEU A 536 -41.77 -15.65 37.51
CA LEU A 536 -40.43 -16.15 37.23
C LEU A 536 -40.42 -17.35 36.29
N GLY A 537 -41.47 -18.18 36.33
CA GLY A 537 -41.56 -19.37 35.48
C GLY A 537 -42.99 -19.78 35.21
N LEU A 538 -43.29 -20.22 33.99
CA LEU A 538 -44.60 -20.72 33.61
C LEU A 538 -44.45 -22.17 33.14
N HIS A 539 -45.37 -23.06 33.56
CA HIS A 539 -45.29 -24.50 33.25
C HIS A 539 -46.68 -25.07 32.92
N VAL A 540 -46.79 -25.86 31.85
CA VAL A 540 -48.08 -26.47 31.51
C VAL A 540 -47.87 -27.86 30.91
N LEU A 541 -48.69 -28.80 31.36
CA LEU A 541 -48.72 -30.17 30.84
C LEU A 541 -50.11 -30.38 30.25
N GLY A 542 -50.19 -30.58 28.92
CA GLY A 542 -51.46 -30.78 28.25
C GLY A 542 -51.33 -30.79 26.74
N PRO A 543 -52.46 -31.00 26.04
CA PRO A 543 -52.42 -30.96 24.57
C PRO A 543 -52.00 -29.59 24.07
N ASN A 544 -51.29 -29.58 22.92
CA ASN A 544 -50.89 -28.36 22.21
C ASN A 544 -50.09 -27.41 23.11
N ALA A 545 -49.24 -27.98 23.97
CA ALA A 545 -48.57 -27.17 24.99
C ALA A 545 -47.63 -26.13 24.40
N GLY A 546 -47.06 -26.37 23.22
CA GLY A 546 -46.20 -25.38 22.60
C GLY A 546 -47.00 -24.21 22.04
N GLU A 547 -48.19 -24.49 21.48
CA GLU A 547 -49.06 -23.40 21.06
C GLU A 547 -49.53 -22.59 22.26
N ILE A 548 -49.86 -23.25 23.38
CA ILE A 548 -50.25 -22.55 24.60
C ILE A 548 -49.13 -21.62 25.07
N THR A 549 -47.91 -22.18 25.21
CA THR A 549 -46.82 -21.48 25.90
C THR A 549 -46.30 -20.28 25.12
N GLN A 550 -46.27 -20.37 23.79
CA GLN A 550 -45.48 -19.41 23.00
C GLN A 550 -45.86 -17.96 23.31
N GLY A 551 -47.15 -17.64 23.30
CA GLY A 551 -47.54 -16.24 23.43
C GLY A 551 -47.18 -15.65 24.78
N TYR A 552 -47.25 -16.46 25.84
CA TYR A 552 -46.86 -15.98 27.17
C TYR A 552 -45.37 -15.64 27.26
N ALA A 553 -44.52 -16.25 26.41
CA ALA A 553 -43.10 -15.91 26.44
C ALA A 553 -42.86 -14.44 26.09
N VAL A 554 -43.73 -13.82 25.28
CA VAL A 554 -43.61 -12.38 25.05
C VAL A 554 -43.92 -11.60 26.33
N ALA A 555 -44.97 -11.99 27.05
CA ALA A 555 -45.32 -11.30 28.28
C ALA A 555 -44.23 -11.45 29.35
N ILE A 556 -43.66 -12.66 29.47
CA ILE A 556 -42.56 -12.87 30.42
C ILE A 556 -41.33 -12.02 30.03
N LYS A 557 -41.02 -11.96 28.74
CA LYS A 557 -39.95 -11.07 28.27
C LYS A 557 -40.17 -9.63 28.75
N MET A 558 -41.43 -9.19 28.75
CA MET A 558 -41.80 -7.83 29.13
C MET A 558 -41.92 -7.63 30.64
N GLY A 559 -41.69 -8.66 31.44
CA GLY A 559 -41.81 -8.54 32.89
C GLY A 559 -43.20 -8.75 33.50
N ALA A 560 -43.99 -9.68 32.96
CA ALA A 560 -45.35 -9.88 33.44
C ALA A 560 -45.39 -10.21 34.92
N THR A 561 -46.41 -9.70 35.61
CA THR A 561 -46.73 -10.05 37.00
C THR A 561 -48.00 -10.87 37.06
N LYS A 562 -48.29 -11.43 38.23
CA LYS A 562 -49.57 -12.12 38.43
C LYS A 562 -50.75 -11.20 38.14
N ALA A 563 -50.63 -9.92 38.52
CA ALA A 563 -51.70 -8.97 38.24
C ALA A 563 -51.95 -8.80 36.73
N ASP A 564 -50.89 -8.92 35.91
CA ASP A 564 -51.07 -8.84 34.46
C ASP A 564 -51.88 -10.04 33.94
N PHE A 565 -51.62 -11.23 34.46
CA PHE A 565 -52.43 -12.39 34.10
C PHE A 565 -53.88 -12.23 34.56
N ASP A 566 -54.07 -11.69 35.76
CA ASP A 566 -55.43 -11.59 36.32
C ASP A 566 -56.29 -10.60 35.54
N ARG A 567 -55.72 -9.47 35.14
CA ARG A 567 -56.52 -8.45 34.47
C ARG A 567 -56.79 -8.80 32.99
N THR A 568 -56.01 -9.68 32.37
CA THR A 568 -56.30 -10.16 31.02
C THR A 568 -57.44 -11.18 31.05
N ILE A 569 -58.37 -11.12 30.06
CA ILE A 569 -59.56 -11.99 30.07
C ILE A 569 -59.28 -13.27 29.27
N GLY A 570 -59.88 -14.39 29.67
CA GLY A 570 -59.71 -15.63 28.94
C GLY A 570 -60.50 -15.71 27.63
N ILE A 571 -60.03 -16.59 26.73
CA ILE A 571 -60.78 -17.06 25.55
C ILE A 571 -61.40 -18.41 25.89
N HIS A 572 -62.71 -18.55 25.67
CA HIS A 572 -63.48 -19.75 26.07
C HIS A 572 -64.14 -20.40 24.86
N PRO A 573 -64.10 -21.76 24.75
CA PRO A 573 -63.44 -22.75 25.62
C PRO A 573 -62.04 -23.07 25.08
N THR A 574 -61.00 -22.90 25.89
CA THR A 574 -59.62 -23.25 25.55
C THR A 574 -58.98 -23.86 26.78
N CYS A 575 -57.87 -24.61 26.57
CA CYS A 575 -57.04 -24.98 27.72
C CYS A 575 -56.27 -23.77 28.26
N SER A 576 -55.76 -22.91 27.36
CA SER A 576 -54.88 -21.83 27.78
C SER A 576 -55.55 -20.86 28.76
N GLU A 577 -56.88 -20.70 28.67
CA GLU A 577 -57.55 -19.69 29.51
C GLU A 577 -57.39 -19.96 30.98
N THR A 578 -57.07 -21.19 31.38
CA THR A 578 -56.91 -21.48 32.80
C THR A 578 -55.80 -20.66 33.44
N PHE A 579 -54.84 -20.16 32.65
CA PHE A 579 -53.80 -19.29 33.20
C PHE A 579 -54.33 -17.94 33.65
N THR A 580 -55.51 -17.51 33.17
CA THR A 580 -55.99 -16.15 33.44
C THR A 580 -56.79 -16.07 34.73
N THR A 581 -57.09 -17.21 35.39
CA THR A 581 -57.94 -17.23 36.58
C THR A 581 -57.35 -18.06 37.71
N LEU A 582 -56.03 -18.28 37.72
CA LEU A 582 -55.43 -19.09 38.77
C LEU A 582 -55.55 -18.41 40.14
N HIS A 583 -55.74 -19.22 41.20
CA HIS A 583 -55.92 -18.60 42.52
C HIS A 583 -55.47 -19.49 43.69
N VAL A 584 -55.42 -20.81 43.51
CA VAL A 584 -54.96 -21.72 44.56
C VAL A 584 -53.44 -21.62 44.68
N THR A 585 -52.95 -21.34 45.90
CA THR A 585 -51.52 -21.32 46.15
C THR A 585 -51.06 -22.64 46.77
N LYS A 586 -49.79 -22.98 46.54
CA LYS A 586 -49.25 -24.18 47.18
C LYS A 586 -49.19 -24.02 48.70
N LYS A 587 -48.86 -22.82 49.18
CA LYS A 587 -48.75 -22.63 50.62
C LYS A 587 -50.08 -22.87 51.33
N SER A 588 -51.20 -22.58 50.67
CA SER A 588 -52.50 -22.72 51.31
C SER A 588 -52.84 -24.17 51.60
N GLY A 589 -52.22 -25.11 50.90
CA GLY A 589 -52.59 -26.51 51.04
C GLY A 589 -53.89 -26.91 50.40
N VAL A 590 -54.61 -25.99 49.74
CA VAL A 590 -55.87 -26.36 49.10
C VAL A 590 -55.56 -27.20 47.87
N SER A 591 -56.41 -28.20 47.60
CA SER A 591 -56.17 -29.11 46.48
C SER A 591 -56.30 -28.39 45.13
N PRO A 592 -55.43 -28.71 44.17
CA PRO A 592 -55.57 -28.15 42.81
C PRO A 592 -56.56 -28.88 41.91
N ILE A 593 -57.17 -29.98 42.38
CA ILE A 593 -58.09 -30.72 41.49
C ILE A 593 -59.32 -29.88 41.18
N VAL A 594 -60.02 -30.26 40.11
CA VAL A 594 -61.14 -29.49 39.62
C VAL A 594 -62.46 -30.20 39.91
N GLY B 7 47.21 57.21 -14.25
CA GLY B 7 45.94 56.52 -14.17
C GLY B 7 45.35 56.32 -15.55
N THR B 8 44.80 57.40 -16.11
CA THR B 8 44.40 57.37 -17.51
C THR B 8 45.59 57.09 -18.42
N SER B 9 46.76 57.66 -18.09
CA SER B 9 47.92 57.47 -18.97
C SER B 9 48.42 56.02 -18.94
N GLN B 10 48.31 55.34 -17.80
CA GLN B 10 48.76 53.96 -17.74
C GLN B 10 47.81 53.02 -18.47
N TRP B 11 46.51 53.30 -18.41
CA TRP B 11 45.54 52.53 -19.19
C TRP B 11 45.81 52.70 -20.68
N LEU B 12 46.08 53.93 -21.12
CA LEU B 12 46.26 54.17 -22.54
C LEU B 12 47.53 53.49 -23.06
N ARG B 13 48.62 53.57 -22.29
CA ARG B 13 49.85 52.88 -22.67
C ARG B 13 49.64 51.38 -22.80
N LYS B 14 48.92 50.77 -21.84
CA LYS B 14 48.70 49.33 -21.90
C LYS B 14 47.83 48.96 -23.10
N THR B 15 46.79 49.76 -23.37
CA THR B 15 45.90 49.50 -24.50
C THR B 15 46.64 49.58 -25.83
N VAL B 16 47.47 50.61 -26.02
CA VAL B 16 48.16 50.78 -27.30
C VAL B 16 49.18 49.67 -27.53
N ASP B 17 49.93 49.28 -26.50
CA ASP B 17 50.97 48.26 -26.68
C ASP B 17 50.40 46.89 -27.03
N SER B 18 49.18 46.59 -26.56
CA SER B 18 48.69 45.22 -26.64
C SER B 18 47.66 45.02 -27.76
N ALA B 19 46.93 46.06 -28.16
CA ALA B 19 45.95 45.94 -29.23
C ALA B 19 46.60 45.62 -30.56
N ALA B 20 45.93 44.78 -31.36
CA ALA B 20 46.45 44.43 -32.67
C ALA B 20 46.19 45.54 -33.69
N VAL B 21 44.95 46.01 -33.79
CA VAL B 21 44.54 47.11 -34.67
C VAL B 21 43.46 47.89 -33.93
N ILE B 22 43.70 49.17 -33.63
CA ILE B 22 42.74 49.95 -32.86
C ILE B 22 42.64 51.36 -33.42
N LEU B 23 41.40 51.87 -33.45
CA LEU B 23 41.06 53.19 -33.95
C LEU B 23 40.47 54.02 -32.82
N PHE B 24 41.10 55.16 -32.51
CA PHE B 24 40.50 56.13 -31.61
C PHE B 24 39.65 57.12 -32.41
N SER B 25 38.43 57.36 -31.94
CA SER B 25 37.39 57.93 -32.77
C SER B 25 36.43 58.76 -31.93
N LYS B 26 35.51 59.44 -32.62
CA LYS B 26 34.32 60.03 -32.02
C LYS B 26 33.15 59.75 -32.94
N THR B 27 31.99 59.46 -32.34
CA THR B 27 30.82 59.08 -33.12
C THR B 27 30.39 60.18 -34.07
N THR B 28 30.81 61.42 -33.81
CA THR B 28 30.27 62.61 -34.46
C THR B 28 31.22 63.20 -35.50
N CYS B 29 32.24 62.46 -35.95
CA CYS B 29 33.24 63.04 -36.82
C CYS B 29 33.25 62.35 -38.18
N PRO B 30 33.02 63.07 -39.28
CA PRO B 30 33.00 62.42 -40.60
C PRO B 30 34.36 61.91 -41.06
N TYR B 31 35.46 62.45 -40.53
CA TYR B 31 36.76 61.87 -40.87
C TYR B 31 36.94 60.50 -40.23
N CYS B 32 36.40 60.32 -39.02
CA CYS B 32 36.30 58.99 -38.43
C CYS B 32 35.56 58.03 -39.35
N LYS B 33 34.32 58.39 -39.70
CA LYS B 33 33.48 57.56 -40.55
C LYS B 33 34.21 57.23 -41.84
N LYS B 34 34.94 58.20 -42.40
CA LYS B 34 35.69 57.97 -43.64
C LYS B 34 36.75 56.89 -43.44
N VAL B 35 37.43 56.89 -42.30
CA VAL B 35 38.43 55.86 -42.04
C VAL B 35 37.76 54.51 -41.78
N LYS B 36 36.68 54.50 -41.00
CA LYS B 36 35.97 53.25 -40.74
C LYS B 36 35.57 52.55 -42.03
N ASP B 37 35.05 53.32 -43.00
CA ASP B 37 34.57 52.73 -44.25
C ASP B 37 35.71 52.12 -45.06
N VAL B 38 36.87 52.78 -45.07
CA VAL B 38 38.04 52.23 -45.74
C VAL B 38 38.45 50.89 -45.13
N LEU B 39 38.49 50.84 -43.79
CA LEU B 39 38.89 49.60 -43.12
C LEU B 39 37.89 48.48 -43.40
N ALA B 40 36.59 48.81 -43.41
CA ALA B 40 35.57 47.81 -43.73
C ALA B 40 35.75 47.27 -45.14
N GLU B 41 35.91 48.17 -46.12
CA GLU B 41 36.01 47.72 -47.50
C GLU B 41 37.23 46.83 -47.72
N ALA B 42 38.33 47.10 -47.01
CA ALA B 42 39.52 46.29 -47.15
C ALA B 42 39.50 45.05 -46.24
N LYS B 43 38.40 44.82 -45.53
CA LYS B 43 38.24 43.64 -44.66
C LYS B 43 39.31 43.61 -43.58
N ILE B 44 39.56 44.75 -42.95
CA ILE B 44 40.49 44.87 -41.83
C ILE B 44 39.67 45.02 -40.55
N LYS B 45 39.66 43.97 -39.72
CA LYS B 45 38.99 44.03 -38.43
C LYS B 45 39.84 44.79 -37.41
N HIS B 46 39.16 45.47 -36.49
CA HIS B 46 39.84 46.32 -35.53
C HIS B 46 38.91 46.63 -34.36
N ALA B 47 39.51 47.03 -33.25
CA ALA B 47 38.80 47.63 -32.14
C ALA B 47 38.59 49.12 -32.38
N THR B 48 37.57 49.68 -31.72
CA THR B 48 37.26 51.10 -31.82
C THR B 48 36.95 51.64 -30.43
N ILE B 49 37.52 52.79 -30.08
CA ILE B 49 37.21 53.51 -28.85
C ILE B 49 36.61 54.87 -29.22
N GLU B 50 35.35 55.09 -28.85
CA GLU B 50 34.66 56.35 -29.13
C GLU B 50 34.87 57.30 -27.95
N LEU B 51 35.78 58.26 -28.11
CA LEU B 51 36.18 59.11 -27.00
C LEU B 51 35.01 59.94 -26.46
N ASP B 52 34.08 60.35 -27.32
CA ASP B 52 32.94 61.15 -26.90
C ASP B 52 31.96 60.41 -26.01
N GLN B 53 32.20 59.13 -25.69
CA GLN B 53 31.30 58.37 -24.82
C GLN B 53 32.02 57.82 -23.59
N LEU B 54 33.11 58.46 -23.17
CA LEU B 54 33.80 58.07 -21.96
C LEU B 54 33.93 59.28 -21.05
N SER B 55 33.93 59.01 -19.74
CA SER B 55 34.04 60.07 -18.74
C SER B 55 35.22 60.99 -19.02
N ASN B 56 36.42 60.44 -19.03
CA ASN B 56 37.64 61.21 -19.24
C ASN B 56 38.20 61.06 -20.64
N GLY B 57 37.32 61.02 -21.65
CA GLY B 57 37.77 60.97 -23.03
C GLY B 57 38.58 62.19 -23.45
N SER B 58 38.30 63.35 -22.82
CA SER B 58 39.10 64.53 -23.09
C SER B 58 40.54 64.34 -22.62
N ALA B 59 40.71 63.72 -21.46
CA ALA B 59 42.05 63.42 -20.95
C ALA B 59 42.77 62.40 -21.84
N ILE B 60 42.05 61.37 -22.30
CA ILE B 60 42.66 60.38 -23.19
C ILE B 60 43.14 61.06 -24.46
N GLN B 61 42.31 61.96 -25.00
CA GLN B 61 42.65 62.68 -26.22
C GLN B 61 44.00 63.38 -26.11
N LYS B 62 44.31 63.93 -24.93
CA LYS B 62 45.59 64.60 -24.74
C LYS B 62 46.73 63.60 -24.53
N CYS B 63 46.45 62.45 -23.92
CA CYS B 63 47.49 61.45 -23.70
C CYS B 63 47.96 60.82 -25.02
N LEU B 64 47.09 60.75 -26.02
CA LEU B 64 47.47 60.13 -27.29
C LEU B 64 48.66 60.83 -27.93
N ALA B 65 48.83 62.13 -27.64
CA ALA B 65 49.92 62.89 -28.24
C ALA B 65 51.29 62.36 -27.82
N SER B 66 51.39 61.64 -26.70
CA SER B 66 52.67 61.07 -26.30
C SER B 66 53.10 59.93 -27.23
N PHE B 67 52.17 59.36 -28.01
CA PHE B 67 52.50 58.33 -29.00
C PHE B 67 52.49 58.84 -30.43
N SER B 68 51.62 59.79 -30.76
CA SER B 68 51.42 60.24 -32.13
C SER B 68 51.91 61.65 -32.40
N LYS B 69 52.14 62.44 -31.35
CA LYS B 69 52.40 63.88 -31.37
C LYS B 69 51.22 64.68 -31.88
N ILE B 70 50.03 64.08 -31.96
CA ILE B 70 48.82 64.82 -32.32
C ILE B 70 47.72 64.52 -31.31
N GLU B 71 46.72 65.41 -31.28
CA GLU B 71 45.64 65.38 -30.30
C GLU B 71 44.27 65.30 -30.93
N THR B 72 44.17 65.05 -32.23
CA THR B 72 42.94 65.26 -32.95
C THR B 72 42.20 63.96 -33.21
N VAL B 73 40.99 64.12 -33.74
CA VAL B 73 40.11 63.05 -34.20
C VAL B 73 40.86 62.16 -35.19
N PRO B 74 40.39 60.91 -35.43
CA PRO B 74 41.17 59.88 -36.14
C PRO B 74 42.61 59.65 -35.74
N GLN B 75 42.88 58.56 -35.01
CA GLN B 75 44.23 58.06 -34.82
C GLN B 75 44.17 56.54 -34.88
N MET B 76 44.92 55.92 -35.79
CA MET B 76 44.90 54.46 -35.90
C MET B 76 46.28 53.90 -35.56
N PHE B 77 46.29 52.84 -34.75
CA PHE B 77 47.52 52.19 -34.31
C PHE B 77 47.52 50.72 -34.73
N VAL B 78 48.72 50.17 -34.96
CA VAL B 78 48.88 48.75 -35.26
C VAL B 78 50.00 48.23 -34.38
N ARG B 79 49.67 47.26 -33.52
CA ARG B 79 50.64 46.54 -32.71
C ARG B 79 51.60 47.48 -31.99
N GLY B 80 51.04 48.55 -31.44
CA GLY B 80 51.80 49.48 -30.62
C GLY B 80 52.39 50.68 -31.35
N LYS B 81 52.11 50.82 -32.65
CA LYS B 81 52.74 51.81 -33.51
C LYS B 81 51.68 52.73 -34.10
N PHE B 82 51.89 54.04 -33.99
CA PHE B 82 50.99 55.00 -34.64
C PHE B 82 51.15 54.91 -36.16
N ILE B 83 50.04 54.73 -36.86
CA ILE B 83 50.05 54.54 -38.30
C ILE B 83 49.66 55.82 -39.04
N GLY B 84 48.70 56.58 -38.53
CA GLY B 84 48.37 57.82 -39.22
C GLY B 84 47.02 58.36 -38.81
N ASP B 85 46.77 59.59 -39.26
CA ASP B 85 45.47 60.23 -39.17
C ASP B 85 44.69 59.92 -40.46
N SER B 86 43.61 60.66 -40.73
CA SER B 86 42.77 60.38 -41.89
C SER B 86 43.56 60.44 -43.20
N GLN B 87 44.20 61.58 -43.49
CA GLN B 87 44.93 61.73 -44.75
C GLN B 87 45.95 60.61 -44.94
N THR B 88 46.67 60.25 -43.87
CA THR B 88 47.74 59.26 -43.99
C THR B 88 47.19 57.86 -44.26
N VAL B 89 46.11 57.47 -43.57
CA VAL B 89 45.53 56.16 -43.81
C VAL B 89 45.08 56.04 -45.26
N LEU B 90 44.38 57.07 -45.77
CA LEU B 90 43.90 57.00 -47.15
C LEU B 90 45.05 56.98 -48.15
N LYS B 91 46.15 57.69 -47.85
CA LYS B 91 47.36 57.61 -48.67
C LYS B 91 47.84 56.17 -48.80
N TYR B 92 47.93 55.45 -47.68
CA TYR B 92 48.34 54.05 -47.71
C TYR B 92 47.35 53.20 -48.49
N TYR B 93 46.05 53.48 -48.35
CA TYR B 93 45.03 52.73 -49.08
C TYR B 93 45.15 52.95 -50.59
N SER B 94 45.30 54.22 -51.00
CA SER B 94 45.38 54.55 -52.42
C SER B 94 46.63 53.99 -53.07
N ASN B 95 47.72 53.84 -52.32
CA ASN B 95 48.97 53.32 -52.84
C ASN B 95 49.14 51.82 -52.59
N ASP B 96 48.08 51.14 -52.16
CA ASP B 96 48.09 49.69 -51.88
C ASP B 96 49.25 49.31 -50.95
N GLU B 97 49.46 50.14 -49.93
CA GLU B 97 50.44 49.86 -48.90
C GLU B 97 49.81 49.43 -47.59
N LEU B 98 48.49 49.60 -47.45
CA LEU B 98 47.83 49.41 -46.15
C LEU B 98 47.86 47.95 -45.72
N ALA B 99 47.58 47.02 -46.64
CA ALA B 99 47.51 45.61 -46.27
C ALA B 99 48.82 45.14 -45.62
N GLY B 100 49.95 45.54 -46.17
CA GLY B 100 51.23 45.13 -45.60
C GLY B 100 51.52 45.78 -44.25
N ILE B 101 50.98 46.99 -44.04
CA ILE B 101 51.19 47.67 -42.76
C ILE B 101 50.40 46.97 -41.65
N VAL B 102 49.10 46.71 -41.90
CA VAL B 102 48.27 46.09 -40.86
C VAL B 102 48.63 44.64 -40.63
N ASN B 103 49.46 44.05 -41.47
CA ASN B 103 49.81 42.64 -41.37
C ASN B 103 51.21 42.39 -40.86
N GLU B 104 52.06 43.41 -40.73
CA GLU B 104 53.43 43.16 -40.33
C GLU B 104 53.51 43.01 -38.82
N SER B 105 54.27 42.00 -38.39
CA SER B 105 54.34 41.65 -36.99
C SER B 105 55.64 40.91 -36.75
N LYS B 106 56.19 41.06 -35.54
CA LYS B 106 57.35 40.27 -35.17
C LYS B 106 57.02 38.83 -34.83
N TYR B 107 55.73 38.46 -34.80
CA TYR B 107 55.31 37.10 -34.46
C TYR B 107 54.37 36.57 -35.53
N ASP B 108 54.28 35.24 -35.62
CA ASP B 108 53.31 34.63 -36.54
C ASP B 108 51.88 35.03 -36.19
N TYR B 109 51.54 35.04 -34.89
CA TYR B 109 50.19 35.29 -34.40
C TYR B 109 50.20 36.33 -33.29
N ASP B 110 49.14 37.15 -33.23
CA ASP B 110 48.91 38.00 -32.06
C ASP B 110 48.54 37.18 -30.83
N LEU B 111 47.86 36.04 -31.01
CA LEU B 111 47.40 35.17 -29.92
C LEU B 111 47.48 33.72 -30.33
N ILE B 112 48.09 32.88 -29.50
CA ILE B 112 47.98 31.43 -29.62
C ILE B 112 47.23 30.92 -28.41
N VAL B 113 46.14 30.20 -28.64
CA VAL B 113 45.39 29.50 -27.60
C VAL B 113 45.79 28.03 -27.63
N ILE B 114 46.32 27.52 -26.53
CA ILE B 114 46.60 26.10 -26.39
C ILE B 114 45.40 25.47 -25.66
N GLY B 115 44.61 24.68 -26.40
CA GLY B 115 43.42 24.04 -25.86
C GLY B 115 42.13 24.55 -26.47
N GLY B 116 41.40 23.69 -27.16
CA GLY B 116 40.17 24.08 -27.85
C GLY B 116 38.89 23.65 -27.16
N GLY B 117 38.73 24.03 -25.88
CA GLY B 117 37.53 23.70 -25.13
C GLY B 117 36.68 24.92 -24.78
N SER B 118 35.95 24.83 -23.65
CA SER B 118 35.03 25.89 -23.26
C SER B 118 35.72 27.25 -23.20
N GLY B 119 36.78 27.37 -22.41
CA GLY B 119 37.47 28.65 -22.30
C GLY B 119 38.21 29.03 -23.57
N GLY B 120 38.95 28.08 -24.16
CA GLY B 120 39.85 28.42 -25.25
C GLY B 120 39.14 28.88 -26.50
N LEU B 121 38.06 28.19 -26.89
CA LEU B 121 37.31 28.61 -28.07
C LEU B 121 36.66 29.97 -27.86
N ALA B 122 36.13 30.23 -26.66
CA ALA B 122 35.52 31.53 -26.39
C ALA B 122 36.56 32.66 -26.48
N ALA B 123 37.72 32.46 -25.86
CA ALA B 123 38.79 33.45 -25.94
C ALA B 123 39.21 33.70 -27.39
N GLY B 124 39.43 32.63 -28.16
CA GLY B 124 39.96 32.80 -29.51
C GLY B 124 38.99 33.53 -30.43
N LYS B 125 37.71 33.18 -30.35
CA LYS B 125 36.72 33.85 -31.21
C LYS B 125 36.57 35.31 -30.82
N GLU B 126 36.60 35.62 -29.52
CA GLU B 126 36.45 37.00 -29.09
C GLU B 126 37.65 37.86 -29.52
N ALA B 127 38.88 37.34 -29.37
CA ALA B 127 40.07 38.09 -29.77
C ALA B 127 40.03 38.42 -31.27
N ALA B 128 39.68 37.44 -32.09
CA ALA B 128 39.69 37.65 -33.53
C ALA B 128 38.71 38.74 -33.96
N LYS B 129 37.64 38.96 -33.19
CA LYS B 129 36.67 40.00 -33.54
C LYS B 129 37.27 41.41 -33.53
N TYR B 130 38.39 41.62 -32.81
CA TYR B 130 39.04 42.92 -32.76
C TYR B 130 40.30 42.98 -33.60
N GLY B 131 40.47 42.03 -34.52
CA GLY B 131 41.59 42.09 -35.42
C GLY B 131 42.84 41.36 -34.98
N ALA B 132 42.81 40.67 -33.84
CA ALA B 132 43.95 39.85 -33.45
C ALA B 132 44.07 38.64 -34.36
N LYS B 133 45.25 38.44 -34.95
CA LYS B 133 45.50 37.23 -35.73
C LYS B 133 45.70 36.06 -34.78
N THR B 134 44.81 35.07 -34.85
CA THR B 134 44.64 34.08 -33.79
C THR B 134 44.77 32.65 -34.31
N ALA B 135 45.45 31.80 -33.53
CA ALA B 135 45.47 30.36 -33.76
C ALA B 135 44.93 29.62 -32.52
N VAL B 136 44.11 28.60 -32.75
CA VAL B 136 43.62 27.73 -31.68
C VAL B 136 44.14 26.32 -31.93
N LEU B 137 44.84 25.77 -30.94
CA LEU B 137 45.36 24.41 -30.99
C LEU B 137 44.49 23.50 -30.14
N ASP B 138 44.09 22.35 -30.69
CA ASP B 138 43.37 21.34 -29.92
C ASP B 138 43.76 19.94 -30.37
N TYR B 139 43.90 19.05 -29.38
CA TYR B 139 44.23 17.64 -29.54
C TYR B 139 43.57 16.88 -28.39
N VAL B 140 43.12 15.67 -28.66
CA VAL B 140 42.48 14.81 -27.66
C VAL B 140 43.34 13.56 -27.51
N GLU B 141 44.10 13.48 -26.42
CA GLU B 141 44.84 12.26 -26.09
C GLU B 141 43.85 11.13 -25.84
N PRO B 142 43.97 9.99 -26.52
CA PRO B 142 42.99 8.91 -26.32
C PRO B 142 43.03 8.33 -24.91
N THR B 143 41.88 7.82 -24.47
CA THR B 143 41.78 7.09 -23.21
C THR B 143 42.56 5.77 -23.31
N PRO B 144 42.76 5.06 -22.18
CA PRO B 144 43.45 3.76 -22.24
C PRO B 144 42.83 2.74 -23.18
N ILE B 145 41.51 2.75 -23.37
CA ILE B 145 40.90 1.81 -24.31
C ILE B 145 40.82 2.38 -25.72
N GLY B 146 41.25 3.62 -25.95
CA GLY B 146 41.31 4.18 -27.28
C GLY B 146 40.24 5.22 -27.64
N THR B 147 39.39 5.61 -26.70
CA THR B 147 38.31 6.55 -26.99
C THR B 147 38.86 7.94 -27.31
N THR B 148 38.33 8.56 -28.37
CA THR B 148 38.71 9.92 -28.76
C THR B 148 37.46 10.62 -29.30
N TRP B 149 37.56 11.93 -29.54
CA TRP B 149 36.42 12.75 -29.98
C TRP B 149 36.93 14.05 -30.63
N GLY B 150 35.97 14.89 -31.05
CA GLY B 150 36.26 16.06 -31.86
C GLY B 150 36.39 17.35 -31.06
N LEU B 151 36.38 18.46 -31.79
CA LEU B 151 36.63 19.78 -31.21
C LEU B 151 35.52 20.23 -30.27
N GLY B 152 35.91 20.83 -29.14
CA GLY B 152 34.94 21.47 -28.25
C GLY B 152 35.19 21.31 -26.77
N GLY B 153 36.07 20.39 -26.39
CA GLY B 153 36.45 20.26 -24.99
C GLY B 153 35.61 19.26 -24.21
N THR B 154 35.84 19.24 -22.88
CA THR B 154 35.25 18.21 -22.02
C THR B 154 33.73 18.35 -21.94
N CYS B 155 33.21 19.57 -21.80
CA CYS B 155 31.77 19.71 -21.56
C CYS B 155 30.96 19.26 -22.77
N VAL B 156 31.38 19.70 -23.97
CA VAL B 156 30.68 19.39 -25.23
C VAL B 156 30.70 17.88 -25.50
N ASN B 157 31.86 17.23 -25.38
CA ASN B 157 32.05 15.83 -25.81
C ASN B 157 31.86 14.79 -24.72
N VAL B 158 32.34 15.03 -23.50
CA VAL B 158 32.33 13.99 -22.48
C VAL B 158 31.91 14.54 -21.13
N GLY B 159 31.04 15.56 -21.13
CA GLY B 159 30.67 16.23 -19.88
C GLY B 159 29.25 16.75 -19.87
N CYS B 160 29.09 18.07 -19.68
CA CYS B 160 27.76 18.63 -19.37
C CYS B 160 26.72 18.29 -20.42
N ILE B 161 27.10 18.29 -21.71
CA ILE B 161 26.11 18.11 -22.77
C ILE B 161 25.61 16.65 -22.79
N PRO B 162 26.47 15.62 -22.97
CA PRO B 162 25.93 14.25 -22.98
C PRO B 162 25.36 13.81 -21.64
N LYS B 163 25.92 14.29 -20.52
CA LYS B 163 25.40 13.77 -19.25
C LYS B 163 24.02 14.34 -18.96
N LYS B 164 23.73 15.59 -19.37
CA LYS B 164 22.38 16.10 -19.17
C LYS B 164 21.38 15.50 -20.16
N LEU B 165 21.84 15.14 -21.36
CA LEU B 165 20.96 14.44 -22.28
C LEU B 165 20.58 13.06 -21.75
N MET B 166 21.53 12.33 -21.16
CA MET B 166 21.17 11.03 -20.58
C MET B 166 20.38 11.18 -19.29
N HIS B 167 20.63 12.24 -18.51
CA HIS B 167 19.75 12.60 -17.39
C HIS B 167 18.31 12.78 -17.86
N GLN B 168 18.12 13.46 -19.01
CA GLN B 168 16.77 13.67 -19.52
C GLN B 168 16.12 12.35 -19.92
N ALA B 169 16.91 11.44 -20.51
CA ALA B 169 16.36 10.13 -20.85
C ALA B 169 15.88 9.41 -19.60
N GLY B 170 16.62 9.56 -18.51
CA GLY B 170 16.20 8.98 -17.24
C GLY B 170 14.95 9.63 -16.69
N LEU B 171 14.88 10.97 -16.75
CA LEU B 171 13.70 11.68 -16.27
C LEU B 171 12.45 11.24 -17.03
N LEU B 172 12.60 10.90 -18.31
CA LEU B 172 11.43 10.51 -19.08
C LEU B 172 10.83 9.19 -18.60
N SER B 173 11.58 8.37 -17.84
CA SER B 173 10.96 7.15 -17.32
C SER B 173 9.85 7.47 -16.32
N HIS B 174 10.07 8.45 -15.44
CA HIS B 174 9.01 8.85 -14.53
C HIS B 174 7.90 9.62 -15.23
N ALA B 175 8.22 10.34 -16.30
CA ALA B 175 7.16 10.98 -17.09
C ALA B 175 6.21 9.95 -17.67
N LEU B 176 6.76 8.82 -18.15
CA LEU B 176 5.95 7.69 -18.60
C LEU B 176 5.06 7.15 -17.48
N GLU B 177 5.62 7.00 -16.28
CA GLU B 177 4.84 6.55 -15.13
C GLU B 177 3.73 7.55 -14.79
N ASP B 178 4.11 8.82 -14.65
CA ASP B 178 3.14 9.88 -14.33
C ASP B 178 1.98 9.93 -15.33
N ALA B 179 2.25 9.64 -16.61
CA ALA B 179 1.24 9.87 -17.63
C ALA B 179 -0.01 9.03 -17.42
N GLU B 180 0.14 7.82 -16.87
CA GLU B 180 -1.03 6.99 -16.58
C GLU B 180 -1.98 7.66 -15.60
N HIS B 181 -1.44 8.26 -14.54
CA HIS B 181 -2.28 8.93 -13.55
C HIS B 181 -2.97 10.16 -14.14
N PHE B 182 -2.36 10.81 -15.12
CA PHE B 182 -2.98 11.97 -15.74
C PHE B 182 -3.94 11.60 -16.88
N GLY B 183 -4.20 10.30 -17.08
CA GLY B 183 -5.24 9.84 -17.99
C GLY B 183 -4.76 9.22 -19.30
N TRP B 184 -3.46 9.08 -19.53
CA TRP B 184 -2.96 8.46 -20.75
C TRP B 184 -2.94 6.93 -20.62
N SER B 185 -3.15 6.24 -21.75
CA SER B 185 -3.48 4.81 -21.76
C SER B 185 -2.27 3.87 -21.87
N LEU B 186 -1.05 4.38 -21.79
CA LEU B 186 0.09 3.48 -21.89
C LEU B 186 0.25 2.63 -20.63
N ASP B 187 1.01 1.55 -20.75
CA ASP B 187 1.37 0.69 -19.62
C ASP B 187 2.89 0.73 -19.43
N ARG B 188 3.34 1.50 -18.42
CA ARG B 188 4.76 1.69 -18.17
C ARG B 188 5.50 0.36 -17.99
N SER B 189 4.85 -0.62 -17.35
CA SER B 189 5.51 -1.89 -17.08
C SER B 189 5.92 -2.64 -18.34
N LYS B 190 5.34 -2.32 -19.50
CA LYS B 190 5.62 -3.06 -20.72
C LYS B 190 6.60 -2.33 -21.66
N ILE B 191 7.31 -1.32 -21.17
CA ILE B 191 8.17 -0.48 -22.00
C ILE B 191 9.62 -0.66 -21.55
N SER B 192 10.55 -0.69 -22.51
CA SER B 192 11.96 -0.91 -22.22
C SER B 192 12.80 0.20 -22.86
N HIS B 193 14.08 0.28 -22.46
CA HIS B 193 15.00 1.28 -22.99
C HIS B 193 16.11 0.63 -23.81
N ASN B 194 16.47 1.27 -24.93
CA ASN B 194 17.53 0.81 -25.82
C ASN B 194 18.70 1.78 -25.70
N TRP B 195 19.76 1.34 -25.01
CA TRP B 195 20.95 2.16 -24.79
C TRP B 195 21.55 2.66 -26.10
N SER B 196 21.75 1.76 -27.08
CA SER B 196 22.48 2.20 -28.27
C SER B 196 21.68 3.20 -29.08
N THR B 197 20.34 3.11 -29.07
CA THR B 197 19.53 4.13 -29.75
C THR B 197 19.75 5.50 -29.10
N MET B 198 19.86 5.54 -27.77
CA MET B 198 20.06 6.84 -27.13
C MET B 198 21.47 7.37 -27.39
N VAL B 199 22.49 6.50 -27.29
CA VAL B 199 23.87 6.92 -27.57
C VAL B 199 23.98 7.46 -29.00
N GLU B 200 23.26 6.85 -29.95
CA GLU B 200 23.35 7.36 -31.32
C GLU B 200 22.77 8.77 -31.44
N GLY B 201 21.65 9.03 -30.77
CA GLY B 201 21.08 10.36 -30.84
C GLY B 201 21.94 11.39 -30.14
N VAL B 202 22.50 11.03 -28.98
CA VAL B 202 23.38 11.93 -28.25
C VAL B 202 24.62 12.26 -29.08
N GLN B 203 25.19 11.25 -29.74
CA GLN B 203 26.43 11.45 -30.48
C GLN B 203 26.19 12.25 -31.76
N SER B 204 25.01 12.14 -32.35
CA SER B 204 24.72 12.97 -33.53
C SER B 204 24.66 14.45 -33.13
N HIS B 205 24.10 14.75 -31.95
CA HIS B 205 24.09 16.15 -31.50
C HIS B 205 25.51 16.65 -31.22
N ILE B 206 26.32 15.85 -30.53
CA ILE B 206 27.70 16.22 -30.26
C ILE B 206 28.45 16.47 -31.58
N GLY B 207 28.19 15.63 -32.59
CA GLY B 207 28.84 15.81 -33.87
C GLY B 207 28.45 17.12 -34.54
N SER B 208 27.19 17.54 -34.38
CA SER B 208 26.80 18.85 -34.91
C SER B 208 27.49 19.99 -34.14
N LEU B 209 27.85 19.77 -32.87
CA LEU B 209 28.61 20.80 -32.16
C LEU B 209 30.08 20.83 -32.62
N ASN B 210 30.72 19.66 -32.83
CA ASN B 210 32.08 19.65 -33.35
C ASN B 210 32.17 20.45 -34.65
N TRP B 211 31.21 20.19 -35.55
CA TRP B 211 31.22 20.83 -36.86
C TRP B 211 30.91 22.31 -36.74
N GLY B 212 29.96 22.67 -35.88
CA GLY B 212 29.65 24.07 -35.66
C GLY B 212 30.84 24.89 -35.19
N TYR B 213 31.65 24.32 -34.29
CA TYR B 213 32.84 25.06 -33.85
C TYR B 213 33.85 25.23 -34.98
N LYS B 214 34.03 24.22 -35.83
CA LYS B 214 34.97 24.38 -36.93
C LYS B 214 34.50 25.44 -37.92
N VAL B 215 33.18 25.50 -38.16
CA VAL B 215 32.63 26.55 -39.03
C VAL B 215 32.79 27.91 -38.38
N ALA B 216 32.57 28.01 -37.07
CA ALA B 216 32.71 29.29 -36.37
C ALA B 216 34.12 29.84 -36.48
N LEU B 217 35.13 28.99 -36.27
CA LEU B 217 36.52 29.44 -36.36
C LEU B 217 36.85 29.92 -37.77
N ARG B 218 36.50 29.12 -38.79
CA ARG B 218 36.71 29.54 -40.17
C ARG B 218 36.05 30.89 -40.46
N ASP B 219 34.81 31.08 -40.00
CA ASP B 219 34.10 32.31 -40.29
C ASP B 219 34.61 33.52 -39.50
N ASN B 220 35.43 33.33 -38.48
CA ASN B 220 36.09 34.42 -37.75
C ASN B 220 37.55 34.58 -38.16
N GLN B 221 37.99 33.85 -39.19
CA GLN B 221 39.38 33.88 -39.67
C GLN B 221 40.38 33.41 -38.62
N VAL B 222 39.97 32.49 -37.74
CA VAL B 222 40.86 31.87 -36.77
C VAL B 222 41.48 30.62 -37.38
N THR B 223 42.80 30.46 -37.25
CA THR B 223 43.48 29.26 -37.72
C THR B 223 43.31 28.13 -36.72
N TYR B 224 42.71 27.02 -37.14
CA TYR B 224 42.54 25.84 -36.29
C TYR B 224 43.58 24.79 -36.66
N LEU B 225 44.41 24.42 -35.69
CA LEU B 225 45.38 23.35 -35.85
C LEU B 225 45.02 22.21 -34.90
N ASN B 226 44.71 21.05 -35.47
CA ASN B 226 44.50 19.81 -34.71
C ASN B 226 45.89 19.24 -34.43
N ALA B 227 46.49 19.69 -33.33
CA ALA B 227 47.87 19.38 -33.01
C ALA B 227 48.09 19.56 -31.52
N LYS B 228 49.02 18.80 -30.98
CA LYS B 228 49.41 18.95 -29.58
C LYS B 228 50.39 20.10 -29.46
N GLY B 229 50.13 21.02 -28.53
CA GLY B 229 50.94 22.21 -28.33
C GLY B 229 51.80 22.13 -27.08
N ARG B 230 52.97 22.75 -27.13
CA ARG B 230 53.91 22.73 -26.02
C ARG B 230 54.67 24.04 -26.01
N LEU B 231 54.56 24.79 -24.90
CA LEU B 231 55.21 26.08 -24.77
C LEU B 231 56.65 25.85 -24.34
N ILE B 232 57.61 26.21 -25.21
CA ILE B 232 59.02 25.97 -24.95
C ILE B 232 59.78 27.24 -24.57
N SER B 233 59.21 28.41 -24.80
CA SER B 233 59.73 29.69 -24.30
C SER B 233 58.57 30.68 -24.33
N PRO B 234 58.72 31.87 -23.74
CA PRO B 234 57.55 32.77 -23.62
C PRO B 234 56.75 32.98 -24.89
N HIS B 235 57.39 33.01 -26.07
CA HIS B 235 56.69 33.32 -27.31
C HIS B 235 56.69 32.17 -28.31
N GLU B 236 57.26 31.01 -27.98
CA GLU B 236 57.42 29.92 -28.94
C GLU B 236 56.59 28.72 -28.52
N VAL B 237 55.77 28.21 -29.43
CA VAL B 237 54.95 27.02 -29.19
C VAL B 237 55.36 25.94 -30.17
N GLN B 238 55.77 24.79 -29.64
CA GLN B 238 56.08 23.63 -30.46
C GLN B 238 54.81 22.82 -30.67
N ILE B 239 54.54 22.42 -31.91
CA ILE B 239 53.32 21.70 -32.28
C ILE B 239 53.69 20.36 -32.90
N THR B 240 52.86 19.35 -32.63
CA THR B 240 53.01 18.01 -33.19
C THR B 240 51.67 17.55 -33.75
N ASP B 241 51.65 17.10 -35.01
CA ASP B 241 50.40 16.79 -35.68
C ASP B 241 50.14 15.28 -35.70
N LYS B 242 49.11 14.87 -36.47
CA LYS B 242 48.67 13.48 -36.46
C LYS B 242 49.68 12.53 -37.08
N ASN B 243 50.62 13.05 -37.88
CA ASN B 243 51.72 12.29 -38.46
C ASN B 243 52.99 12.40 -37.63
N GLN B 244 52.91 12.96 -36.43
CA GLN B 244 54.08 13.22 -35.58
C GLN B 244 55.09 14.14 -36.26
N LYS B 245 54.64 14.99 -37.18
CA LYS B 245 55.49 16.06 -37.69
C LYS B 245 55.53 17.20 -36.68
N VAL B 246 56.74 17.73 -36.46
CA VAL B 246 57.02 18.70 -35.40
C VAL B 246 57.45 20.02 -36.02
N SER B 247 56.99 21.13 -35.44
CA SER B 247 57.35 22.46 -35.93
C SER B 247 57.11 23.48 -34.83
N THR B 248 57.40 24.76 -35.13
CA THR B 248 57.37 25.85 -34.16
C THR B 248 56.64 27.04 -34.75
N ILE B 249 55.73 27.62 -33.96
CA ILE B 249 55.06 28.86 -34.29
C ILE B 249 55.25 29.84 -33.12
N THR B 250 55.21 31.13 -33.42
CA THR B 250 55.42 32.15 -32.40
C THR B 250 54.19 33.04 -32.25
N GLY B 251 54.03 33.61 -31.07
CA GLY B 251 52.88 34.45 -30.78
C GLY B 251 53.20 35.50 -29.74
N ASN B 252 52.52 36.63 -29.85
CA ASN B 252 52.69 37.72 -28.89
C ASN B 252 52.13 37.35 -27.52
N LYS B 253 50.80 37.14 -27.43
CA LYS B 253 50.14 36.67 -26.23
C LYS B 253 49.81 35.19 -26.33
N ILE B 254 49.86 34.49 -25.19
CA ILE B 254 49.58 33.05 -25.10
C ILE B 254 48.50 32.85 -24.05
N ILE B 255 47.47 32.05 -24.39
CA ILE B 255 46.47 31.62 -23.41
C ILE B 255 46.54 30.12 -23.25
N LEU B 256 46.83 29.66 -22.03
CA LEU B 256 46.77 28.24 -21.68
C LEU B 256 45.35 27.88 -21.26
N ALA B 257 44.78 26.86 -21.90
CA ALA B 257 43.38 26.49 -21.69
C ALA B 257 43.19 24.99 -21.93
N THR B 258 44.06 24.17 -21.34
CA THR B 258 44.15 22.75 -21.68
C THR B 258 43.31 21.83 -20.80
N GLY B 259 42.65 22.33 -19.75
CA GLY B 259 41.69 21.47 -19.05
C GLY B 259 42.35 20.35 -18.25
N GLU B 260 41.53 19.36 -17.87
CA GLU B 260 41.94 18.22 -17.03
C GLU B 260 41.44 16.91 -17.65
N ARG B 261 41.85 15.78 -17.06
CA ARG B 261 41.37 14.46 -17.44
C ARG B 261 41.15 13.63 -16.17
N PRO B 262 40.35 12.55 -16.25
CA PRO B 262 40.05 11.77 -15.04
C PRO B 262 41.26 11.04 -14.47
N LYS B 263 41.26 10.87 -13.14
CA LYS B 263 42.28 10.08 -12.44
C LYS B 263 41.85 8.61 -12.31
N TYR B 264 42.84 7.73 -12.19
CA TYR B 264 42.61 6.34 -11.84
C TYR B 264 43.30 6.06 -10.52
N PRO B 265 42.71 5.25 -9.64
CA PRO B 265 43.43 4.87 -8.42
C PRO B 265 44.57 3.90 -8.74
N GLU B 266 45.56 3.89 -7.85
CA GLU B 266 46.79 3.10 -8.03
C GLU B 266 46.60 1.67 -7.51
N ILE B 267 45.81 0.89 -8.26
CA ILE B 267 45.50 -0.50 -7.88
C ILE B 267 45.52 -1.38 -9.12
N PRO B 268 45.79 -2.68 -8.92
CA PRO B 268 45.85 -3.61 -10.07
C PRO B 268 44.52 -3.73 -10.79
N GLY B 269 44.57 -3.67 -12.12
CA GLY B 269 43.41 -3.88 -12.94
C GLY B 269 42.58 -2.64 -13.24
N ALA B 270 42.87 -1.50 -12.61
CA ALA B 270 42.01 -0.33 -12.79
C ALA B 270 42.07 0.20 -14.22
N VAL B 271 43.30 0.48 -14.70
CA VAL B 271 43.47 1.01 -16.06
C VAL B 271 43.07 -0.02 -17.09
N GLU B 272 43.38 -1.29 -16.84
CA GLU B 272 43.15 -2.34 -17.82
C GLU B 272 41.66 -2.66 -18.00
N TYR B 273 40.89 -2.71 -16.90
CA TYR B 273 39.56 -3.30 -16.96
C TYR B 273 38.42 -2.35 -16.61
N GLY B 274 38.69 -1.21 -15.94
CA GLY B 274 37.67 -0.21 -15.67
C GLY B 274 37.60 0.86 -16.76
N ILE B 275 36.60 1.75 -16.65
CA ILE B 275 36.43 2.88 -17.56
C ILE B 275 36.19 4.15 -16.74
N THR B 276 36.13 5.30 -17.44
CA THR B 276 35.75 6.57 -16.82
C THR B 276 34.64 7.23 -17.62
N SER B 277 34.24 8.43 -17.18
CA SER B 277 33.22 9.20 -17.89
C SER B 277 33.65 9.55 -19.32
N ASP B 278 34.96 9.66 -19.58
CA ASP B 278 35.47 9.83 -20.96
C ASP B 278 34.96 8.71 -21.89
N ASP B 279 34.86 7.48 -21.38
CA ASP B 279 34.43 6.35 -22.19
C ASP B 279 32.92 6.15 -22.19
N LEU B 280 32.24 6.60 -21.14
CA LEU B 280 30.85 6.18 -20.92
C LEU B 280 29.91 6.77 -21.98
N PHE B 281 30.16 8.01 -22.40
CA PHE B 281 29.17 8.71 -23.22
C PHE B 281 29.14 8.26 -24.68
N SER B 282 30.12 7.48 -25.15
CA SER B 282 30.06 6.87 -26.47
C SER B 282 30.12 5.34 -26.43
N LEU B 283 29.86 4.74 -25.26
CA LEU B 283 30.04 3.30 -25.10
C LEU B 283 29.11 2.51 -26.04
N PRO B 284 29.64 1.60 -26.86
CA PRO B 284 28.77 0.92 -27.84
C PRO B 284 27.87 -0.17 -27.27
N TYR B 285 28.00 -0.53 -25.99
CA TYR B 285 27.15 -1.53 -25.35
C TYR B 285 26.63 -0.97 -24.02
N PHE B 286 25.43 -1.41 -23.62
CA PHE B 286 24.92 -1.03 -22.30
C PHE B 286 25.86 -1.53 -21.21
N PRO B 287 26.16 -0.71 -20.20
CA PRO B 287 27.12 -1.14 -19.16
C PRO B 287 26.69 -2.36 -18.37
N GLY B 288 25.39 -2.61 -18.22
CA GLY B 288 24.90 -3.74 -17.43
C GLY B 288 25.01 -3.48 -15.93
N LYS B 289 25.13 -4.55 -15.15
CA LYS B 289 25.36 -4.38 -13.73
C LYS B 289 26.66 -3.59 -13.51
N THR B 290 26.56 -2.45 -12.83
CA THR B 290 27.60 -1.43 -12.81
C THR B 290 27.99 -1.05 -11.39
N LEU B 291 29.30 -0.95 -11.16
CA LEU B 291 29.85 -0.35 -9.96
C LEU B 291 30.47 1.01 -10.32
N VAL B 292 30.06 2.05 -9.60
CA VAL B 292 30.67 3.37 -9.68
C VAL B 292 31.51 3.58 -8.44
N ILE B 293 32.80 3.85 -8.61
CA ILE B 293 33.73 4.10 -7.52
C ILE B 293 33.95 5.60 -7.42
N GLY B 294 33.57 6.20 -6.30
CA GLY B 294 33.67 7.63 -6.09
C GLY B 294 32.35 8.23 -5.63
N ALA B 295 32.43 9.52 -5.26
CA ALA B 295 31.26 10.15 -4.65
C ALA B 295 31.11 11.62 -5.03
N SER B 296 31.81 12.07 -6.07
CA SER B 296 31.69 13.40 -6.64
C SER B 296 30.35 13.57 -7.35
N TYR B 297 30.10 14.81 -7.80
CA TYR B 297 28.89 15.01 -8.61
C TYR B 297 28.92 14.17 -9.88
N VAL B 298 30.10 13.96 -10.49
CA VAL B 298 30.19 13.09 -11.66
C VAL B 298 29.73 11.68 -11.31
N ALA B 299 30.23 11.13 -10.20
CA ALA B 299 29.85 9.79 -9.78
C ALA B 299 28.34 9.66 -9.57
N LEU B 300 27.73 10.61 -8.84
CA LEU B 300 26.31 10.48 -8.52
C LEU B 300 25.42 10.74 -9.74
N GLU B 301 25.79 11.68 -10.61
CA GLU B 301 24.98 11.93 -11.81
C GLU B 301 24.96 10.71 -12.72
N CYS B 302 26.12 10.06 -12.91
CA CYS B 302 26.16 8.88 -13.79
C CYS B 302 25.42 7.70 -13.17
N ALA B 303 25.62 7.44 -11.88
CA ALA B 303 24.89 6.35 -11.24
C ALA B 303 23.39 6.59 -11.31
N GLY B 304 22.98 7.86 -11.15
CA GLY B 304 21.57 8.18 -11.15
C GLY B 304 20.86 7.87 -12.46
N PHE B 305 21.43 8.32 -13.59
CA PHE B 305 20.72 8.04 -14.84
C PHE B 305 20.84 6.56 -15.26
N LEU B 306 21.98 5.91 -14.98
CA LEU B 306 22.05 4.47 -15.26
C LEU B 306 20.94 3.70 -14.54
N ALA B 307 20.62 4.08 -13.29
CA ALA B 307 19.58 3.37 -12.55
C ALA B 307 18.19 3.68 -13.13
N SER B 308 17.98 4.93 -13.55
CA SER B 308 16.71 5.30 -14.16
C SER B 308 16.49 4.62 -15.51
N LEU B 309 17.56 4.26 -16.21
CA LEU B 309 17.47 3.56 -17.48
C LEU B 309 17.38 2.04 -17.29
N GLY B 310 17.18 1.58 -16.06
CA GLY B 310 16.94 0.17 -15.78
C GLY B 310 18.13 -0.62 -15.29
N GLY B 311 19.29 0.01 -15.07
CA GLY B 311 20.47 -0.72 -14.65
C GLY B 311 20.50 -1.05 -13.17
N ASP B 312 21.32 -2.06 -12.85
CA ASP B 312 21.62 -2.49 -11.47
C ASP B 312 22.91 -1.80 -11.05
N VAL B 313 22.81 -0.79 -10.18
CA VAL B 313 23.90 0.16 -9.94
C VAL B 313 24.25 0.21 -8.46
N THR B 314 25.55 0.18 -8.18
CA THR B 314 26.12 0.33 -6.84
C THR B 314 27.15 1.44 -6.86
N VAL B 315 27.20 2.25 -5.79
CA VAL B 315 28.19 3.31 -5.63
C VAL B 315 29.04 2.98 -4.41
N MET B 316 30.39 2.98 -4.59
CA MET B 316 31.37 2.76 -3.52
C MET B 316 31.87 4.10 -2.99
N VAL B 317 31.56 4.43 -1.73
CA VAL B 317 31.85 5.73 -1.13
C VAL B 317 32.99 5.60 -0.11
N ARG B 318 34.11 6.26 -0.38
CA ARG B 318 35.24 6.25 0.56
C ARG B 318 34.87 6.84 1.92
N SER B 319 34.32 8.07 1.93
CA SER B 319 33.96 8.75 3.17
C SER B 319 32.55 9.35 3.11
N ILE B 320 32.39 10.49 2.43
CA ILE B 320 31.11 11.21 2.35
C ILE B 320 30.74 11.45 0.90
N LEU B 321 29.46 11.80 0.69
CA LEU B 321 28.95 12.25 -0.61
C LEU B 321 29.20 13.74 -0.81
N LEU B 322 29.56 14.13 -2.04
CA LEU B 322 29.65 15.54 -2.44
C LEU B 322 30.48 16.37 -1.45
N ARG B 323 31.71 15.90 -1.18
CA ARG B 323 32.63 16.65 -0.34
C ARG B 323 32.80 18.07 -0.87
N GLY B 324 32.66 19.06 0.03
CA GLY B 324 32.73 20.46 -0.33
C GLY B 324 31.39 21.12 -0.55
N PHE B 325 30.31 20.36 -0.72
CA PHE B 325 28.94 20.89 -0.76
C PHE B 325 28.30 20.75 0.62
N ASP B 326 27.23 21.52 0.85
CA ASP B 326 26.41 21.43 2.07
C ASP B 326 26.03 19.99 2.36
N GLN B 327 26.42 19.50 3.55
CA GLN B 327 26.30 18.06 3.80
C GLN B 327 24.88 17.64 4.18
N GLN B 328 24.04 18.54 4.71
CA GLN B 328 22.64 18.20 4.84
C GLN B 328 22.02 17.96 3.48
N MET B 329 22.31 18.82 2.51
CA MET B 329 21.75 18.66 1.17
C MET B 329 22.32 17.41 0.49
N ALA B 330 23.63 17.16 0.64
CA ALA B 330 24.22 15.95 0.08
C ALA B 330 23.54 14.69 0.59
N GLU B 331 23.25 14.64 1.91
CA GLU B 331 22.57 13.48 2.48
C GLU B 331 21.17 13.30 1.90
N LYS B 332 20.41 14.39 1.73
CA LYS B 332 19.08 14.28 1.12
C LYS B 332 19.17 13.77 -0.31
N VAL B 333 20.20 14.21 -1.06
CA VAL B 333 20.39 13.73 -2.43
C VAL B 333 20.60 12.21 -2.43
N GLY B 334 21.50 11.72 -1.57
CA GLY B 334 21.79 10.30 -1.56
C GLY B 334 20.63 9.45 -1.06
N ASP B 335 19.90 9.95 -0.06
CA ASP B 335 18.73 9.23 0.45
C ASP B 335 17.67 9.02 -0.64
N TYR B 336 17.46 10.03 -1.49
CA TYR B 336 16.51 9.89 -2.58
C TYR B 336 16.98 8.80 -3.56
N MET B 337 18.26 8.84 -3.92
CA MET B 337 18.80 7.83 -4.84
C MET B 337 18.67 6.43 -4.26
N GLU B 338 18.92 6.29 -2.95
CA GLU B 338 18.83 4.97 -2.33
C GLU B 338 17.40 4.44 -2.28
N ASN B 339 16.41 5.33 -2.08
CA ASN B 339 15.03 4.87 -2.12
C ASN B 339 14.53 4.58 -3.52
N HIS B 340 15.18 5.11 -4.55
CA HIS B 340 14.79 4.87 -5.93
C HIS B 340 15.79 3.97 -6.68
N GLY B 341 16.41 3.01 -5.98
CA GLY B 341 17.09 1.90 -6.63
C GLY B 341 18.58 1.78 -6.37
N VAL B 342 19.27 2.91 -6.17
CA VAL B 342 20.73 2.89 -6.17
C VAL B 342 21.24 2.29 -4.87
N LYS B 343 22.15 1.32 -4.97
CA LYS B 343 22.76 0.71 -3.78
C LYS B 343 24.08 1.42 -3.43
N PHE B 344 24.36 1.51 -2.13
CA PHE B 344 25.54 2.22 -1.65
C PHE B 344 26.39 1.31 -0.77
N ALA B 345 27.68 1.21 -1.08
CA ALA B 345 28.68 0.56 -0.22
C ALA B 345 29.48 1.65 0.48
N LYS B 346 29.11 1.94 1.73
CA LYS B 346 29.58 3.11 2.45
C LYS B 346 30.85 2.82 3.25
N LEU B 347 31.75 3.81 3.30
CA LEU B 347 33.03 3.72 4.01
C LEU B 347 33.90 2.58 3.47
N CYS B 348 34.09 2.56 2.15
CA CYS B 348 34.63 1.42 1.43
C CYS B 348 35.51 1.88 0.28
N VAL B 349 36.62 1.18 0.06
CA VAL B 349 37.54 1.50 -1.04
C VAL B 349 37.95 0.22 -1.74
N PRO B 350 38.33 0.32 -3.02
CA PRO B 350 38.71 -0.88 -3.78
C PRO B 350 40.19 -1.22 -3.66
N ASP B 351 40.47 -2.52 -3.70
CA ASP B 351 41.85 -3.02 -3.67
C ASP B 351 42.33 -3.58 -5.00
N GLU B 352 41.46 -4.15 -5.82
CA GLU B 352 41.92 -4.74 -7.08
C GLU B 352 40.71 -5.11 -7.93
N ILE B 353 40.91 -5.07 -9.26
CA ILE B 353 39.90 -5.49 -10.24
C ILE B 353 40.47 -6.69 -11.01
N LYS B 354 39.75 -7.82 -11.01
CA LYS B 354 40.13 -8.99 -11.79
C LYS B 354 39.21 -9.19 -12.98
N GLN B 355 39.79 -9.58 -14.13
CA GLN B 355 38.99 -9.86 -15.32
C GLN B 355 38.49 -11.29 -15.33
N LEU B 356 37.18 -11.47 -15.49
CA LEU B 356 36.54 -12.77 -15.66
C LEU B 356 36.10 -13.05 -17.10
N LYS B 357 35.65 -12.03 -17.81
CA LYS B 357 35.32 -12.13 -19.23
C LYS B 357 35.80 -10.86 -19.93
N VAL B 358 36.35 -11.04 -21.14
CA VAL B 358 36.76 -9.94 -22.00
C VAL B 358 35.52 -9.33 -22.64
N VAL B 359 35.55 -8.01 -22.87
CA VAL B 359 34.48 -7.32 -23.58
C VAL B 359 34.23 -7.99 -24.93
N ASP B 360 32.96 -8.25 -25.25
CA ASP B 360 32.56 -8.92 -26.49
C ASP B 360 32.29 -7.86 -27.56
N THR B 361 33.35 -7.44 -28.24
CA THR B 361 33.25 -6.39 -29.25
C THR B 361 32.45 -6.83 -30.47
N GLU B 362 32.27 -8.13 -30.68
CA GLU B 362 31.45 -8.64 -31.78
C GLU B 362 29.98 -8.45 -31.50
N ASN B 363 29.44 -9.25 -30.57
CA ASN B 363 28.04 -9.25 -30.22
C ASN B 363 27.64 -8.06 -29.35
N ASN B 364 28.56 -7.10 -29.14
CA ASN B 364 28.23 -5.83 -28.53
C ASN B 364 27.75 -5.99 -27.08
N LYS B 365 28.58 -6.60 -26.24
CA LYS B 365 28.25 -6.94 -24.87
C LYS B 365 29.41 -6.61 -23.95
N PRO B 366 29.14 -6.21 -22.72
CA PRO B 366 30.22 -6.00 -21.75
C PRO B 366 30.88 -7.32 -21.38
N GLY B 367 32.04 -7.22 -20.74
CA GLY B 367 32.69 -8.35 -20.10
C GLY B 367 32.15 -8.62 -18.72
N LEU B 368 33.03 -9.08 -17.82
CA LEU B 368 32.64 -9.42 -16.46
C LEU B 368 33.87 -9.32 -15.56
N LEU B 369 33.69 -8.72 -14.38
CA LEU B 369 34.79 -8.35 -13.51
C LEU B 369 34.52 -8.78 -12.07
N LEU B 370 35.58 -9.08 -11.33
CA LEU B 370 35.52 -9.31 -9.88
C LEU B 370 36.20 -8.15 -9.17
N VAL B 371 35.46 -7.45 -8.31
CA VAL B 371 35.98 -6.31 -7.55
C VAL B 371 36.19 -6.75 -6.10
N LYS B 372 37.40 -6.57 -5.59
CA LYS B 372 37.72 -6.87 -4.20
C LYS B 372 38.14 -5.60 -3.50
N GLY B 373 37.62 -5.39 -2.28
CA GLY B 373 37.93 -4.18 -1.52
C GLY B 373 37.76 -4.38 -0.02
N HIS B 374 37.82 -3.30 0.77
CA HIS B 374 37.60 -3.44 2.20
C HIS B 374 36.95 -2.18 2.79
N TYR B 375 36.20 -2.37 3.87
CA TYR B 375 35.55 -1.30 4.60
C TYR B 375 36.49 -0.72 5.65
N THR B 376 36.12 0.47 6.14
CA THR B 376 37.02 1.26 6.96
C THR B 376 37.33 0.59 8.30
N ASP B 377 36.50 -0.36 8.74
CA ASP B 377 36.77 -1.10 9.96
C ASP B 377 37.57 -2.38 9.73
N GLY B 378 37.86 -2.72 8.47
CA GLY B 378 38.63 -3.89 8.12
C GLY B 378 37.86 -5.01 7.44
N LYS B 379 36.53 -5.02 7.50
CA LYS B 379 35.77 -6.07 6.82
C LYS B 379 35.98 -6.00 5.30
N LYS B 380 35.61 -7.08 4.63
CA LYS B 380 35.95 -7.33 3.23
C LYS B 380 34.76 -7.03 2.31
N PHE B 381 35.07 -6.57 1.10
CA PHE B 381 34.12 -6.40 0.00
C PHE B 381 34.54 -7.28 -1.17
N GLU B 382 33.59 -8.05 -1.72
CA GLU B 382 33.84 -8.91 -2.89
C GLU B 382 32.54 -9.14 -3.65
N GLU B 383 32.49 -8.74 -4.92
CA GLU B 383 31.29 -8.85 -5.74
C GLU B 383 31.66 -8.67 -7.21
N GLU B 384 30.86 -9.25 -8.10
CA GLU B 384 31.07 -9.24 -9.55
C GLU B 384 30.24 -8.14 -10.20
N PHE B 385 30.80 -7.51 -11.24
CA PHE B 385 30.12 -6.48 -12.03
C PHE B 385 30.47 -6.64 -13.50
N GLU B 386 29.58 -6.16 -14.37
CA GLU B 386 29.91 -6.15 -15.80
C GLU B 386 30.74 -4.94 -16.19
N THR B 387 30.50 -3.78 -15.55
CA THR B 387 31.24 -2.54 -15.80
C THR B 387 31.64 -1.90 -14.48
N VAL B 388 32.84 -1.34 -14.43
CA VAL B 388 33.33 -0.59 -13.28
C VAL B 388 33.75 0.79 -13.77
N ILE B 389 33.14 1.83 -13.21
CA ILE B 389 33.41 3.21 -13.62
C ILE B 389 34.12 3.93 -12.48
N PHE B 390 35.30 4.49 -12.77
CA PHE B 390 36.04 5.29 -11.79
C PHE B 390 35.68 6.76 -11.95
N ALA B 391 35.21 7.39 -10.87
CA ALA B 391 35.00 8.84 -10.82
C ALA B 391 35.61 9.37 -9.51
N VAL B 392 36.95 9.36 -9.44
CA VAL B 392 37.67 9.71 -8.22
C VAL B 392 38.50 10.99 -8.39
N GLY B 393 38.00 11.91 -9.21
CA GLY B 393 38.63 13.21 -9.39
C GLY B 393 39.28 13.34 -10.76
N ARG B 394 39.73 14.57 -11.03
CA ARG B 394 40.34 14.98 -12.30
C ARG B 394 41.58 15.82 -12.03
N GLU B 395 42.51 15.88 -12.99
CA GLU B 395 43.78 16.58 -12.80
C GLU B 395 44.34 17.08 -14.12
N PRO B 396 45.09 18.18 -14.10
CA PRO B 396 45.77 18.64 -15.32
C PRO B 396 47.08 17.88 -15.49
N GLN B 397 47.64 17.98 -16.68
CA GLN B 397 48.92 17.31 -16.92
C GLN B 397 49.86 18.33 -17.57
N LEU B 398 50.17 19.40 -16.82
CA LEU B 398 50.84 20.53 -17.43
C LEU B 398 52.29 20.25 -17.82
N SER B 399 52.92 19.22 -17.23
CA SER B 399 54.23 18.82 -17.71
C SER B 399 54.20 18.44 -19.20
N LYS B 400 53.06 17.93 -19.68
CA LYS B 400 52.90 17.68 -21.11
C LYS B 400 52.88 18.97 -21.92
N VAL B 401 52.45 20.07 -21.30
CA VAL B 401 52.08 21.28 -22.04
C VAL B 401 53.16 22.36 -21.95
N LEU B 402 53.98 22.33 -20.91
CA LEU B 402 54.67 23.52 -20.44
C LEU B 402 56.08 23.13 -19.97
N CYS B 403 57.10 23.53 -20.73
CA CYS B 403 58.47 23.31 -20.32
C CYS B 403 58.80 24.09 -19.05
N GLU B 404 59.43 23.42 -18.09
CA GLU B 404 59.72 24.05 -16.81
C GLU B 404 60.64 25.26 -16.92
N THR B 405 61.45 25.34 -17.98
CA THR B 405 62.35 26.48 -18.10
C THR B 405 61.64 27.77 -18.45
N VAL B 406 60.38 27.70 -18.92
CA VAL B 406 59.68 28.92 -19.32
C VAL B 406 59.44 29.83 -18.11
N GLY B 407 59.24 29.25 -16.93
CA GLY B 407 59.04 30.05 -15.73
C GLY B 407 57.61 30.26 -15.27
N VAL B 408 56.66 29.46 -15.74
CA VAL B 408 55.26 29.57 -15.29
C VAL B 408 55.11 28.80 -13.98
N LYS B 409 54.72 29.51 -12.91
CA LYS B 409 54.62 28.91 -11.58
C LYS B 409 53.34 28.10 -11.42
N LEU B 410 53.48 26.88 -10.90
CA LEU B 410 52.36 26.00 -10.56
C LEU B 410 52.25 25.87 -9.05
N ASP B 411 51.07 25.45 -8.57
CA ASP B 411 50.87 25.18 -7.15
C ASP B 411 51.09 23.69 -6.88
N LYS B 412 50.84 23.27 -5.64
CA LYS B 412 51.09 21.89 -5.21
C LYS B 412 50.19 20.88 -5.92
N ASN B 413 49.08 21.30 -6.51
CA ASN B 413 48.22 20.41 -7.29
C ASN B 413 48.47 20.51 -8.79
N GLY B 414 49.50 21.22 -9.22
CA GLY B 414 49.78 21.31 -10.63
C GLY B 414 48.93 22.29 -11.42
N ARG B 415 48.20 23.18 -10.75
CA ARG B 415 47.43 24.22 -11.42
C ARG B 415 48.21 25.54 -11.47
N VAL B 416 47.87 26.39 -12.44
CA VAL B 416 48.63 27.61 -12.71
C VAL B 416 48.24 28.72 -11.74
N VAL B 417 49.25 29.34 -11.13
CA VAL B 417 49.03 30.44 -10.19
C VAL B 417 48.91 31.74 -10.96
N CYS B 418 47.74 32.41 -10.84
CA CYS B 418 47.44 33.58 -11.65
C CYS B 418 47.06 34.79 -10.80
N THR B 419 47.29 35.97 -11.36
CA THR B 419 46.74 37.22 -10.87
C THR B 419 45.23 37.27 -11.11
N ASP B 420 44.59 38.30 -10.58
CA ASP B 420 43.14 38.43 -10.74
C ASP B 420 42.74 38.83 -12.15
N ASP B 421 43.69 39.04 -13.06
CA ASP B 421 43.42 39.26 -14.47
C ASP B 421 43.95 38.10 -15.31
N GLU B 422 44.07 36.91 -14.72
CA GLU B 422 44.51 35.66 -15.33
C GLU B 422 45.97 35.65 -15.79
N GLN B 423 46.77 36.65 -15.43
CA GLN B 423 48.19 36.65 -15.82
C GLN B 423 48.99 35.63 -15.00
N THR B 424 49.89 34.90 -15.67
CA THR B 424 50.82 34.00 -14.98
C THR B 424 52.05 34.78 -14.52
N THR B 425 53.06 34.06 -13.99
CA THR B 425 54.35 34.67 -13.65
C THR B 425 55.19 35.04 -14.89
N VAL B 426 54.70 34.77 -16.10
CA VAL B 426 55.35 35.20 -17.34
C VAL B 426 54.40 36.20 -18.00
N SER B 427 54.90 37.41 -18.25
CA SER B 427 54.05 38.59 -18.44
C SER B 427 53.08 38.47 -19.62
N ASN B 428 53.46 37.75 -20.68
CA ASN B 428 52.62 37.63 -21.88
C ASN B 428 51.77 36.36 -21.88
N VAL B 429 51.80 35.57 -20.81
CA VAL B 429 51.17 34.26 -20.78
C VAL B 429 50.05 34.28 -19.74
N TYR B 430 48.89 33.74 -20.10
CA TYR B 430 47.70 33.76 -19.27
C TYR B 430 47.12 32.35 -19.18
N ALA B 431 46.25 32.14 -18.19
CA ALA B 431 45.61 30.83 -18.01
C ALA B 431 44.15 30.98 -17.59
N ILE B 432 43.28 30.17 -18.18
CA ILE B 432 41.84 30.25 -17.97
C ILE B 432 41.26 28.85 -17.81
N GLY B 433 40.06 28.78 -17.20
CA GLY B 433 39.39 27.50 -17.09
C GLY B 433 39.86 26.66 -15.92
N ASP B 434 39.73 25.34 -16.07
CA ASP B 434 39.97 24.40 -14.96
C ASP B 434 41.42 24.41 -14.47
N ILE B 435 42.39 24.83 -15.29
CA ILE B 435 43.78 24.83 -14.82
C ILE B 435 44.15 26.10 -14.06
N ASN B 436 43.27 27.09 -13.98
CA ASN B 436 43.53 28.30 -13.20
C ASN B 436 43.31 27.98 -11.72
N ALA B 437 44.38 28.07 -10.92
CA ALA B 437 44.32 27.58 -9.54
C ALA B 437 43.31 28.34 -8.70
N GLY B 438 42.53 27.59 -7.91
CA GLY B 438 41.62 28.17 -6.94
C GLY B 438 40.28 28.65 -7.48
N LYS B 439 40.00 28.51 -8.79
CA LYS B 439 38.75 29.01 -9.32
C LYS B 439 37.71 27.89 -9.45
N PRO B 440 36.41 28.22 -9.40
CA PRO B 440 35.38 27.20 -9.66
C PRO B 440 35.57 26.59 -11.04
N GLN B 441 35.44 25.27 -11.13
CA GLN B 441 35.75 24.54 -12.36
C GLN B 441 34.44 24.25 -13.10
N LEU B 442 33.98 25.25 -13.86
CA LEU B 442 32.66 25.24 -14.48
C LEU B 442 32.76 25.84 -15.88
N THR B 443 31.91 25.35 -16.78
CA THR B 443 31.98 25.81 -18.16
C THR B 443 31.63 27.29 -18.31
N PRO B 444 30.56 27.82 -17.71
CA PRO B 444 30.30 29.27 -17.87
C PRO B 444 31.37 30.16 -17.27
N VAL B 445 32.09 29.70 -16.25
CA VAL B 445 33.20 30.49 -15.71
C VAL B 445 34.33 30.58 -16.71
N ALA B 446 34.70 29.46 -17.31
CA ALA B 446 35.76 29.46 -18.32
C ALA B 446 35.42 30.37 -19.50
N ILE B 447 34.16 30.34 -19.93
CA ILE B 447 33.74 31.17 -21.07
C ILE B 447 33.84 32.66 -20.72
N GLN B 448 33.30 33.05 -19.57
CA GLN B 448 33.39 34.46 -19.16
C GLN B 448 34.85 34.91 -19.00
N ALA B 449 35.67 34.10 -18.33
CA ALA B 449 37.09 34.43 -18.20
C ALA B 449 37.74 34.63 -19.57
N GLY B 450 37.51 33.71 -20.50
CA GLY B 450 38.13 33.79 -21.81
C GLY B 450 37.68 35.01 -22.61
N ARG B 451 36.37 35.28 -22.63
CA ARG B 451 35.89 36.45 -23.38
C ARG B 451 36.33 37.75 -22.73
N TYR B 452 36.26 37.83 -21.40
CA TYR B 452 36.64 39.10 -20.75
C TYR B 452 38.14 39.38 -20.91
N LEU B 453 38.97 38.32 -20.89
CA LEU B 453 40.42 38.48 -21.12
C LEU B 453 40.72 39.00 -22.52
N ALA B 454 40.14 38.36 -23.55
CA ALA B 454 40.36 38.80 -24.93
C ALA B 454 40.06 40.29 -25.11
N ARG B 455 39.00 40.78 -24.45
CA ARG B 455 38.65 42.19 -24.57
C ARG B 455 39.66 43.09 -23.86
N ARG B 456 40.19 42.65 -22.72
CA ARG B 456 41.23 43.44 -22.06
C ARG B 456 42.51 43.49 -22.90
N LEU B 457 42.89 42.37 -23.53
CA LEU B 457 44.11 42.35 -24.33
C LEU B 457 43.97 43.18 -25.61
N PHE B 458 42.84 43.07 -26.30
CA PHE B 458 42.80 43.56 -27.67
C PHE B 458 41.81 44.67 -27.93
N ALA B 459 40.99 45.07 -26.95
CA ALA B 459 40.04 46.15 -27.15
C ALA B 459 40.11 47.23 -26.07
N GLY B 460 41.09 47.18 -25.18
CA GLY B 460 41.21 48.20 -24.16
C GLY B 460 40.19 48.13 -23.04
N ALA B 461 39.53 46.98 -22.84
CA ALA B 461 38.55 46.88 -21.78
C ALA B 461 39.25 46.74 -20.43
N THR B 462 38.49 47.00 -19.35
CA THR B 462 39.02 46.87 -17.99
C THR B 462 38.29 45.87 -17.11
N GLU B 463 37.11 45.39 -17.51
CA GLU B 463 36.30 44.53 -16.64
C GLU B 463 36.99 43.20 -16.34
N LEU B 464 37.00 42.81 -15.07
CA LEU B 464 37.53 41.54 -14.60
C LEU B 464 36.41 40.53 -14.45
N THR B 465 36.77 39.24 -14.40
CA THR B 465 35.81 38.18 -14.07
C THR B 465 35.62 38.10 -12.57
N ASP B 466 34.35 38.03 -12.12
CA ASP B 466 34.01 37.91 -10.70
C ASP B 466 33.72 36.44 -10.41
N TYR B 467 34.58 35.82 -9.60
CA TYR B 467 34.49 34.39 -9.31
C TYR B 467 33.72 34.06 -8.02
N SER B 468 33.09 35.06 -7.37
CA SER B 468 32.43 34.81 -6.10
C SER B 468 30.95 34.50 -6.27
N ASN B 469 30.43 33.65 -5.37
CA ASN B 469 29.00 33.31 -5.32
C ASN B 469 28.48 32.79 -6.67
N VAL B 470 29.28 31.94 -7.32
CA VAL B 470 28.87 31.36 -8.60
C VAL B 470 27.97 30.16 -8.36
N ALA B 471 26.76 30.20 -8.93
CA ALA B 471 25.76 29.18 -8.67
C ALA B 471 26.11 27.86 -9.38
N THR B 472 25.56 26.75 -8.85
CA THR B 472 25.83 25.39 -9.34
C THR B 472 24.52 24.59 -9.36
N THR B 473 24.52 23.50 -10.14
CA THR B 473 23.44 22.52 -10.04
C THR B 473 24.00 21.12 -10.29
N VAL B 474 23.70 20.20 -9.37
CA VAL B 474 24.01 18.78 -9.48
C VAL B 474 22.78 18.07 -10.06
N PHE B 475 22.95 17.46 -11.25
CA PHE B 475 21.82 16.88 -11.98
C PHE B 475 21.64 15.41 -11.65
N THR B 476 21.51 15.14 -10.35
CA THR B 476 21.07 13.85 -9.84
C THR B 476 19.58 13.65 -10.12
N PRO B 477 19.05 12.41 -9.94
CA PRO B 477 17.64 12.15 -10.30
C PRO B 477 16.66 13.15 -9.69
N LEU B 478 16.83 13.51 -8.43
CA LEU B 478 16.25 14.74 -7.89
C LEU B 478 17.38 15.77 -7.82
N GLU B 479 17.21 16.90 -8.53
CA GLU B 479 18.31 17.86 -8.75
C GLU B 479 18.53 18.75 -7.52
N TYR B 480 19.78 19.24 -7.38
CA TYR B 480 20.21 20.07 -6.24
C TYR B 480 20.91 21.34 -6.75
N GLY B 481 20.27 22.49 -6.55
CA GLY B 481 20.85 23.77 -6.94
C GLY B 481 21.30 24.56 -5.73
N ALA B 482 22.39 25.34 -5.90
CA ALA B 482 22.93 26.12 -4.78
C ALA B 482 23.61 27.39 -5.27
N CYS B 483 23.58 28.45 -4.43
CA CYS B 483 24.36 29.67 -4.67
C CYS B 483 24.87 30.22 -3.34
N GLY B 484 26.19 30.30 -3.17
CA GLY B 484 26.81 30.85 -1.96
C GLY B 484 27.29 29.80 -0.97
N LEU B 485 27.36 30.17 0.31
CA LEU B 485 27.92 29.28 1.33
C LEU B 485 26.99 28.15 1.72
N SER B 486 27.60 27.00 2.04
CA SER B 486 26.90 25.95 2.78
C SER B 486 26.62 26.45 4.19
N GLU B 487 25.67 25.79 4.85
CA GLU B 487 25.32 26.18 6.22
C GLU B 487 26.53 26.02 7.16
N GLU B 488 27.27 24.90 7.04
CA GLU B 488 28.40 24.70 7.93
C GLU B 488 29.53 25.70 7.68
N ASP B 489 29.76 26.11 6.44
CA ASP B 489 30.79 27.12 6.19
C ASP B 489 30.38 28.49 6.73
N ALA B 490 29.10 28.84 6.61
CA ALA B 490 28.63 30.11 7.18
C ALA B 490 28.80 30.12 8.70
N ILE B 491 28.51 28.98 9.34
CA ILE B 491 28.61 28.91 10.80
C ILE B 491 30.06 28.98 11.23
N GLU B 492 30.96 28.31 10.50
CA GLU B 492 32.38 28.40 10.83
C GLU B 492 32.90 29.83 10.68
N LYS B 493 32.43 30.58 9.68
CA LYS B 493 32.98 31.91 9.42
C LYS B 493 32.45 32.96 10.38
N TYR B 494 31.19 32.89 10.78
CA TYR B 494 30.56 33.94 11.57
C TYR B 494 30.13 33.52 12.97
N GLY B 495 30.08 32.22 13.27
CA GLY B 495 29.58 31.74 14.53
C GLY B 495 28.09 31.43 14.51
N ASP B 496 27.69 30.38 15.25
CA ASP B 496 26.32 29.89 15.19
C ASP B 496 25.30 30.94 15.64
N LYS B 497 25.66 31.75 16.63
CA LYS B 497 24.73 32.73 17.17
C LYS B 497 24.39 33.81 16.16
N ASP B 498 25.27 34.05 15.18
CA ASP B 498 25.04 35.06 14.14
C ASP B 498 24.40 34.51 12.87
N ILE B 499 24.02 33.22 12.84
CA ILE B 499 23.45 32.61 11.64
C ILE B 499 21.99 32.23 11.90
N GLU B 500 21.10 32.64 11.01
CA GLU B 500 19.70 32.21 11.04
C GLU B 500 19.40 31.47 9.75
N VAL B 501 18.70 30.33 9.85
CA VAL B 501 18.36 29.48 8.70
C VAL B 501 16.85 29.33 8.60
N TYR B 502 16.28 29.80 7.50
CA TYR B 502 14.86 29.59 7.19
C TYR B 502 14.71 28.42 6.22
N HIS B 503 13.75 27.53 6.46
CA HIS B 503 13.66 26.33 5.60
C HIS B 503 12.21 25.83 5.52
N SER B 504 11.96 24.94 4.54
CA SER B 504 10.65 24.34 4.32
C SER B 504 10.78 23.14 3.40
N ASN B 505 9.99 22.11 3.66
CA ASN B 505 9.71 21.13 2.63
C ASN B 505 8.67 21.68 1.65
N PHE B 506 8.59 21.06 0.46
CA PHE B 506 7.52 21.38 -0.48
C PHE B 506 7.22 20.16 -1.35
N LYS B 507 6.11 20.25 -2.08
CA LYS B 507 5.66 19.19 -2.99
C LYS B 507 5.26 19.86 -4.30
N PRO B 508 5.90 19.51 -5.43
CA PRO B 508 5.47 20.08 -6.71
C PRO B 508 4.02 19.71 -6.99
N LEU B 509 3.26 20.67 -7.51
CA LEU B 509 1.87 20.39 -7.90
C LEU B 509 1.79 19.20 -8.86
N GLU B 510 2.78 19.07 -9.75
CA GLU B 510 2.85 17.95 -10.69
C GLU B 510 2.92 16.58 -10.01
N TRP B 511 3.42 16.52 -8.77
CA TRP B 511 3.54 15.26 -8.04
C TRP B 511 2.24 14.83 -7.36
N THR B 512 1.21 15.67 -7.29
CA THR B 512 0.05 15.34 -6.49
C THR B 512 -0.76 14.22 -7.16
N VAL B 513 -1.23 14.48 -8.38
CA VAL B 513 -2.01 13.49 -9.13
C VAL B 513 -1.17 12.26 -9.44
N ALA B 514 0.16 12.41 -9.53
CA ALA B 514 1.06 11.29 -9.82
C ALA B 514 1.43 10.46 -8.59
N HIS B 515 0.94 10.85 -7.40
CA HIS B 515 1.17 10.10 -6.15
C HIS B 515 2.65 9.94 -5.81
N ARG B 516 3.44 10.99 -5.99
CA ARG B 516 4.84 10.98 -5.58
C ARG B 516 4.95 11.55 -4.15
N GLU B 517 6.17 11.65 -3.63
CA GLU B 517 6.40 11.79 -2.19
C GLU B 517 6.07 13.20 -1.67
N ASP B 518 5.53 13.25 -0.44
CA ASP B 518 5.02 14.52 0.12
C ASP B 518 6.12 15.45 0.62
N ASN B 519 7.16 14.91 1.26
CA ASN B 519 8.11 15.73 2.00
C ASN B 519 9.55 15.35 1.68
N VAL B 520 9.90 15.30 0.40
CA VAL B 520 11.27 15.01 0.00
C VAL B 520 11.95 16.26 -0.58
N CYS B 521 11.23 17.05 -1.36
CA CYS B 521 11.79 18.31 -1.84
C CYS B 521 11.96 19.26 -0.65
N TYR B 522 13.00 20.09 -0.70
CA TYR B 522 13.43 20.87 0.46
C TYR B 522 14.21 22.11 0.00
N MET B 523 14.08 23.21 0.76
CA MET B 523 14.84 24.41 0.42
C MET B 523 15.14 25.18 1.70
N LYS B 524 16.25 25.95 1.69
CA LYS B 524 16.62 26.77 2.85
C LYS B 524 17.40 28.01 2.40
N LEU B 525 17.34 29.05 3.25
CA LEU B 525 18.17 30.25 3.12
C LEU B 525 19.01 30.39 4.38
N VAL B 526 20.32 30.53 4.21
CA VAL B 526 21.28 30.67 5.31
C VAL B 526 21.63 32.16 5.40
N CYS B 527 21.30 32.81 6.52
CA CYS B 527 21.36 34.27 6.63
C CYS B 527 22.23 34.73 7.81
N ARG B 528 22.78 35.94 7.69
CA ARG B 528 23.62 36.55 8.73
C ARG B 528 22.85 37.63 9.49
N LYS B 529 22.62 37.38 10.78
CA LYS B 529 21.78 38.25 11.58
C LYS B 529 22.34 39.67 11.68
N SER B 530 23.63 39.79 11.95
CA SER B 530 24.22 41.11 12.20
C SER B 530 24.41 41.94 10.94
N ASP B 531 24.14 41.39 9.75
CA ASP B 531 24.23 42.15 8.51
C ASP B 531 22.85 42.21 7.84
N ASN B 532 21.84 42.65 8.58
CA ASN B 532 20.51 42.91 8.03
C ASN B 532 19.88 41.63 7.47
N MET B 533 20.22 40.46 8.03
CA MET B 533 19.73 39.17 7.53
C MET B 533 20.14 38.92 6.09
N ARG B 534 21.39 39.28 5.75
CA ARG B 534 21.94 39.03 4.41
C ARG B 534 21.85 37.54 4.07
N VAL B 535 21.45 37.23 2.83
CA VAL B 535 21.40 35.85 2.38
C VAL B 535 22.83 35.42 2.00
N LEU B 536 23.43 34.53 2.81
CA LEU B 536 24.78 34.05 2.52
C LEU B 536 24.77 32.85 1.58
N GLY B 537 23.73 32.02 1.64
CA GLY B 537 23.63 30.85 0.78
C GLY B 537 22.19 30.43 0.58
N LEU B 538 21.89 29.96 -0.63
CA LEU B 538 20.58 29.45 -1.02
C LEU B 538 20.74 28.02 -1.53
N HIS B 539 19.82 27.13 -1.12
CA HIS B 539 19.88 25.70 -1.43
C HIS B 539 18.48 25.17 -1.75
N VAL B 540 18.33 24.40 -2.84
CA VAL B 540 17.04 23.80 -3.19
C VAL B 540 17.24 22.41 -3.79
N LEU B 541 16.50 21.43 -3.26
CA LEU B 541 16.41 20.07 -3.80
C LEU B 541 15.03 19.88 -4.41
N GLY B 542 14.96 19.64 -5.73
CA GLY B 542 13.68 19.49 -6.40
C GLY B 542 13.83 19.46 -7.91
N PRO B 543 12.71 19.30 -8.62
CA PRO B 543 12.75 19.30 -10.09
C PRO B 543 13.13 20.66 -10.64
N ASN B 544 13.84 20.66 -11.79
CA ASN B 544 14.23 21.89 -12.49
C ASN B 544 15.05 22.82 -11.59
N ALA B 545 15.91 22.24 -10.73
CA ALA B 545 16.59 23.03 -9.71
C ALA B 545 17.50 24.09 -10.32
N GLY B 546 18.07 23.81 -11.50
CA GLY B 546 18.92 24.78 -12.15
C GLY B 546 18.13 25.99 -12.64
N GLU B 547 16.94 25.76 -13.22
CA GLU B 547 16.10 26.87 -13.63
C GLU B 547 15.63 27.68 -12.42
N ILE B 548 15.34 27.02 -11.30
CA ILE B 548 14.93 27.71 -10.08
C ILE B 548 16.04 28.63 -9.58
N THR B 549 17.28 28.10 -9.51
CA THR B 549 18.35 28.78 -8.81
C THR B 549 18.88 29.99 -9.58
N GLN B 550 18.94 29.89 -10.92
CA GLN B 550 19.68 30.88 -11.72
C GLN B 550 19.32 32.33 -11.39
N GLY B 551 18.02 32.64 -11.41
CA GLY B 551 17.62 34.04 -11.24
C GLY B 551 18.00 34.58 -9.87
N TYR B 552 17.93 33.75 -8.83
CA TYR B 552 18.33 34.21 -7.50
C TYR B 552 19.82 34.55 -7.43
N ALA B 553 20.65 34.00 -8.34
CA ALA B 553 22.07 34.34 -8.32
C ALA B 553 22.29 35.81 -8.62
N VAL B 554 21.45 36.43 -9.46
CA VAL B 554 21.56 37.88 -9.68
C VAL B 554 21.28 38.64 -8.40
N ALA B 555 20.22 38.26 -7.68
CA ALA B 555 19.88 38.96 -6.43
C ALA B 555 20.97 38.78 -5.37
N ILE B 556 21.54 37.57 -5.26
CA ILE B 556 22.61 37.37 -4.29
C ILE B 556 23.86 38.18 -4.68
N LYS B 557 24.13 38.31 -5.99
CA LYS B 557 25.24 39.15 -6.43
C LYS B 557 25.06 40.59 -5.96
N MET B 558 23.82 41.10 -6.01
CA MET B 558 23.54 42.44 -5.52
C MET B 558 23.30 42.54 -4.01
N GLY B 559 23.54 41.49 -3.24
CA GLY B 559 23.43 41.59 -1.78
C GLY B 559 22.03 41.46 -1.20
N ALA B 560 21.25 40.52 -1.70
CA ALA B 560 19.87 40.37 -1.23
C ALA B 560 19.84 40.01 0.25
N THR B 561 18.82 40.51 0.95
CA THR B 561 18.51 40.18 2.34
C THR B 561 17.22 39.36 2.41
N LYS B 562 16.93 38.81 3.59
CA LYS B 562 15.66 38.13 3.78
C LYS B 562 14.48 39.06 3.50
N ALA B 563 14.60 40.34 3.86
CA ALA B 563 13.53 41.29 3.60
C ALA B 563 13.29 41.48 2.10
N ASP B 564 14.34 41.34 1.27
CA ASP B 564 14.14 41.40 -0.17
C ASP B 564 13.32 40.20 -0.68
N PHE B 565 13.59 39.00 -0.16
CA PHE B 565 12.77 37.85 -0.53
C PHE B 565 11.33 37.98 -0.04
N ASP B 566 11.14 38.60 1.13
CA ASP B 566 9.79 38.71 1.69
C ASP B 566 8.91 39.68 0.91
N ARG B 567 9.48 40.83 0.50
CA ARG B 567 8.67 41.84 -0.19
C ARG B 567 8.44 41.49 -1.66
N THR B 568 9.21 40.57 -2.23
CA THR B 568 8.95 40.09 -3.58
C THR B 568 7.80 39.06 -3.56
N ILE B 569 6.87 39.17 -4.51
CA ILE B 569 5.69 38.29 -4.54
C ILE B 569 5.93 37.07 -5.41
N GLY B 570 5.39 35.93 -4.99
CA GLY B 570 5.56 34.69 -5.74
C GLY B 570 4.72 34.62 -7.01
N ILE B 571 5.17 33.73 -7.93
CA ILE B 571 4.41 33.28 -9.11
C ILE B 571 3.77 31.94 -8.78
N HIS B 572 2.45 31.82 -8.95
CA HIS B 572 1.69 30.62 -8.58
C HIS B 572 1.02 29.99 -9.80
N PRO B 573 1.05 28.65 -9.93
CA PRO B 573 1.69 27.65 -9.06
C PRO B 573 3.10 27.29 -9.56
N THR B 574 4.13 27.44 -8.72
CA THR B 574 5.50 27.05 -9.06
C THR B 574 6.16 26.44 -7.83
N CYS B 575 7.25 25.71 -8.07
CA CYS B 575 8.11 25.33 -6.95
C CYS B 575 8.86 26.54 -6.41
N SER B 576 9.36 27.39 -7.30
CA SER B 576 10.28 28.46 -6.89
C SER B 576 9.62 29.43 -5.90
N GLU B 577 8.30 29.60 -5.96
CA GLU B 577 7.63 30.61 -5.12
C GLU B 577 7.78 30.31 -3.63
N THR B 578 8.11 29.08 -3.25
CA THR B 578 8.26 28.77 -1.83
C THR B 578 9.39 29.62 -1.20
N PHE B 579 10.34 30.09 -2.00
CA PHE B 579 11.39 30.97 -1.46
C PHE B 579 10.85 32.32 -0.98
N THR B 580 9.69 32.77 -1.49
CA THR B 580 9.19 34.12 -1.18
C THR B 580 8.41 34.18 0.12
N THR B 581 8.07 33.02 0.73
CA THR B 581 7.26 33.01 1.96
C THR B 581 7.88 32.19 3.08
N LEU B 582 9.19 31.94 3.05
CA LEU B 582 9.79 31.14 4.12
C LEU B 582 9.67 31.85 5.47
N HIS B 583 9.48 31.07 6.54
CA HIS B 583 9.32 31.68 7.86
C HIS B 583 9.72 30.77 9.03
N VAL B 584 9.73 29.45 8.84
CA VAL B 584 10.18 28.54 9.89
C VAL B 584 11.70 28.64 10.00
N THR B 585 12.20 28.90 11.21
CA THR B 585 13.65 28.94 11.43
C THR B 585 14.09 27.62 12.07
N LYS B 586 15.35 27.27 11.84
CA LYS B 586 15.90 26.07 12.48
C LYS B 586 15.98 26.25 13.99
N LYS B 587 16.31 27.46 14.46
CA LYS B 587 16.42 27.69 15.90
C LYS B 587 15.10 27.41 16.63
N SER B 588 13.98 27.65 15.97
CA SER B 588 12.68 27.52 16.63
C SER B 588 12.31 26.08 16.91
N GLY B 589 12.90 25.13 16.20
CA GLY B 589 12.52 23.73 16.37
C GLY B 589 11.21 23.34 15.72
N VAL B 590 10.53 24.25 15.04
CA VAL B 590 9.27 23.91 14.38
C VAL B 590 9.57 23.06 13.15
N SER B 591 8.72 22.05 12.91
CA SER B 591 8.95 21.14 11.79
C SER B 591 8.85 21.88 10.46
N PRO B 592 9.69 21.53 9.48
CA PRO B 592 9.56 22.10 8.12
C PRO B 592 8.58 21.37 7.21
N ILE B 593 7.91 20.31 7.66
CA ILE B 593 7.06 19.54 6.74
C ILE B 593 5.84 20.36 6.38
N VAL B 594 5.13 19.95 5.33
CA VAL B 594 3.97 20.71 4.87
C VAL B 594 2.73 19.83 4.85
#